data_3GVT
#
_entry.id   3GVT
#
_cell.length_a   150.540
_cell.length_b   150.540
_cell.length_c   77.220
_cell.angle_alpha   90.00
_cell.angle_beta   90.00
_cell.angle_gamma   120.00
#
_symmetry.space_group_name_H-M   'P 63'
#
loop_
_entity.id
_entity.type
_entity.pdbx_description
1 polymer 'Pumilio homolog 2'
2 non-polymer 2,3-DIHYDROXY-1,4-DITHIOBUTANE
3 non-polymer GLYCEROL
4 water water
#
_entity_poly.entity_id   1
_entity_poly.type   'polypeptide(L)'
_entity_poly.pdbx_seq_one_letter_code
;GTGRSRLLEDFRNNRFPNLQLRDLIGHIVEFSQDQHGSRFIQQKLERATPAERQIVFNEILQAAYQLMTDVFGNYVIQKF
FEFGSLDQKLALATRIRGHVLPLALQMYGCRVIQKALESISSDQQSEMVKELDGHVLKCVKDQNGNHVVQKCIECVQPQS
LQFIIDAFKGQVFVLSTHPYGCRVIQRILEHCTAEQTLPILEELHQHTEQLVQDQYGNYVIQHVLEHGRPEDKSKIVSEI
RGKVLALSQHKFASNVVEKCVTHASRAERALLIDEVCCQNDGPHSALYTMMKDQYANYVVQKMIDMAEPAQRKIIMHKIR
PHITTLRKYTYGKHILAKLEKYYLKNSPDLG
;
_entity_poly.pdbx_strand_id   A,B
#
loop_
_chem_comp.id
_chem_comp.type
_chem_comp.name
_chem_comp.formula
DTT non-polymer 2,3-DIHYDROXY-1,4-DITHIOBUTANE 'C4 H10 O2 S2'
GOL non-polymer GLYCEROL 'C3 H8 O3'
#
# COMPACT_ATOMS: atom_id res chain seq x y z
N GLY A 3 8.58 29.85 -5.40
CA GLY A 3 9.77 29.99 -4.49
C GLY A 3 10.98 30.59 -5.21
N ARG A 4 10.91 30.61 -6.53
CA ARG A 4 12.03 31.06 -7.35
C ARG A 4 11.63 32.09 -8.41
N SER A 5 10.59 31.79 -9.18
CA SER A 5 10.06 32.73 -10.15
C SER A 5 9.12 33.70 -9.49
N ARG A 6 9.12 34.93 -9.98
CA ARG A 6 8.10 35.89 -9.58
C ARG A 6 6.76 35.41 -10.11
N LEU A 7 6.73 34.93 -11.36
CA LEU A 7 5.54 34.34 -11.95
C LEU A 7 4.89 33.32 -11.01
N LEU A 8 5.71 32.41 -10.50
CA LEU A 8 5.29 31.42 -9.52
C LEU A 8 4.78 32.07 -8.21
N GLU A 9 5.61 32.91 -7.59
CA GLU A 9 5.21 33.58 -6.36
C GLU A 9 3.98 34.46 -6.48
N ASP A 10 3.82 35.08 -7.67
CA ASP A 10 2.65 35.88 -7.98
C ASP A 10 1.40 34.99 -8.05
N PHE A 11 1.50 33.90 -8.80
CA PHE A 11 0.44 32.93 -8.86
C PHE A 11 0.12 32.42 -7.46
N ARG A 12 1.17 32.15 -6.68
CA ARG A 12 1.00 31.67 -5.30
C ARG A 12 0.37 32.72 -4.35
N ASN A 13 0.14 33.90 -4.91
CA ASN A 13 -0.52 34.98 -4.15
C ASN A 13 -1.85 35.45 -4.73
N ASN A 14 -2.48 34.60 -5.55
CA ASN A 14 -3.78 34.93 -6.20
C ASN A 14 -3.73 36.22 -7.03
N ARG A 15 -2.57 36.47 -7.65
CA ARG A 15 -2.37 37.57 -8.58
C ARG A 15 -2.97 37.30 -9.96
N PHE A 16 -3.18 36.02 -10.28
CA PHE A 16 -3.70 35.63 -11.59
C PHE A 16 -4.92 34.71 -11.48
N PRO A 17 -6.11 35.31 -11.18
CA PRO A 17 -7.34 34.52 -11.09
C PRO A 17 -7.68 33.85 -12.43
N ASN A 18 -7.34 34.49 -13.55
CA ASN A 18 -7.69 33.94 -14.87
C ASN A 18 -6.53 33.25 -15.59
N LEU A 19 -5.62 32.63 -14.83
CA LEU A 19 -4.39 32.12 -15.41
C LEU A 19 -4.63 30.90 -16.28
N GLN A 20 -3.77 30.74 -17.28
CA GLN A 20 -3.92 29.70 -18.30
C GLN A 20 -2.59 29.02 -18.64
N LEU A 21 -2.69 27.80 -19.14
CA LEU A 21 -1.52 27.02 -19.52
C LEU A 21 -0.57 27.82 -20.41
N ARG A 22 -1.11 28.45 -21.45
CA ARG A 22 -0.32 29.28 -22.36
C ARG A 22 0.60 30.29 -21.64
N ASP A 23 0.12 30.86 -20.55
CA ASP A 23 0.90 31.83 -19.79
C ASP A 23 2.08 31.19 -19.03
N LEU A 24 2.15 29.87 -19.04
CA LEU A 24 3.15 29.11 -18.29
C LEU A 24 4.36 28.66 -19.11
N ILE A 25 4.43 29.04 -20.39
CA ILE A 25 5.59 28.66 -21.23
C ILE A 25 6.95 29.09 -20.65
N GLY A 26 7.86 28.11 -20.57
CA GLY A 26 9.16 28.27 -19.91
C GLY A 26 9.12 28.15 -18.40
N HIS A 27 8.03 27.60 -17.86
CA HIS A 27 7.85 27.52 -16.41
C HIS A 27 7.10 26.25 -15.94
N ILE A 28 6.72 25.40 -16.90
CA ILE A 28 5.91 24.23 -16.61
C ILE A 28 6.53 23.30 -15.55
N VAL A 29 7.83 23.01 -15.70
CA VAL A 29 8.59 22.21 -14.75
C VAL A 29 8.59 22.84 -13.34
N GLU A 30 8.79 24.15 -13.26
CA GLU A 30 8.73 24.83 -11.97
C GLU A 30 7.36 24.66 -11.30
N PHE A 31 6.32 24.94 -12.08
CA PHE A 31 4.94 24.80 -11.62
C PHE A 31 4.55 23.38 -11.21
N SER A 32 5.11 22.40 -11.89
CA SER A 32 4.79 20.99 -11.68
C SER A 32 5.36 20.47 -10.37
N GLN A 33 6.41 21.12 -9.89
CA GLN A 33 7.07 20.74 -8.66
C GLN A 33 6.46 21.42 -7.42
N ASP A 34 5.54 22.36 -7.65
CA ASP A 34 4.94 23.17 -6.59
C ASP A 34 3.57 22.62 -6.23
N GLN A 35 3.28 22.54 -4.93
CA GLN A 35 2.05 21.93 -4.48
C GLN A 35 0.84 22.44 -5.26
N HIS A 36 0.73 23.76 -5.34
CA HIS A 36 -0.43 24.40 -5.94
C HIS A 36 -0.32 24.53 -7.43
N GLY A 37 0.91 24.70 -7.92
CA GLY A 37 1.17 24.69 -9.35
C GLY A 37 0.81 23.35 -9.99
N SER A 38 1.27 22.26 -9.37
CA SER A 38 0.97 20.92 -9.84
C SER A 38 -0.54 20.71 -9.94
N ARG A 39 -1.27 21.09 -8.89
CA ARG A 39 -2.74 21.02 -8.88
C ARG A 39 -3.36 21.82 -10.02
N PHE A 40 -2.83 23.01 -10.26
CA PHE A 40 -3.32 23.88 -11.31
C PHE A 40 -3.17 23.24 -12.69
N ILE A 41 -2.00 22.67 -12.94
CA ILE A 41 -1.73 21.97 -14.18
C ILE A 41 -2.59 20.72 -14.33
N GLN A 42 -2.76 19.96 -13.25
CA GLN A 42 -3.54 18.75 -13.30
C GLN A 42 -4.97 19.01 -13.75
N GLN A 43 -5.55 20.05 -13.17
CA GLN A 43 -6.95 20.37 -13.41
C GLN A 43 -7.15 20.92 -14.82
N LYS A 44 -6.21 21.74 -15.28
CA LYS A 44 -6.24 22.30 -16.63
C LYS A 44 -6.03 21.25 -17.72
N LEU A 45 -5.16 20.28 -17.45
CA LEU A 45 -4.88 19.18 -18.38
C LEU A 45 -6.13 18.33 -18.65
N GLU A 46 -6.96 18.18 -17.61
CA GLU A 46 -8.20 17.41 -17.71
C GLU A 46 -9.13 17.99 -18.76
N ARG A 47 -9.02 19.29 -19.03
CA ARG A 47 -9.93 19.95 -19.97
C ARG A 47 -9.29 20.69 -21.15
N ALA A 48 -8.02 20.39 -21.47
CA ALA A 48 -7.26 21.23 -22.42
C ALA A 48 -7.42 20.82 -23.87
N THR A 49 -7.21 21.76 -24.79
CA THR A 49 -7.10 21.41 -26.19
C THR A 49 -5.80 20.65 -26.42
N PRO A 50 -5.83 19.69 -27.36
CA PRO A 50 -4.61 19.00 -27.82
C PRO A 50 -3.33 19.84 -28.00
N ALA A 51 -3.41 21.00 -28.66
CA ALA A 51 -2.25 21.88 -28.76
C ALA A 51 -1.75 22.32 -27.38
N GLU A 52 -2.67 22.75 -26.51
CA GLU A 52 -2.34 23.09 -25.11
C GLU A 52 -1.65 21.91 -24.44
N ARG A 53 -2.22 20.71 -24.60
CA ARG A 53 -1.66 19.50 -24.01
C ARG A 53 -0.24 19.21 -24.49
N GLN A 54 -0.03 19.34 -25.81
CA GLN A 54 1.29 19.15 -26.39
C GLN A 54 2.26 20.30 -26.02
N ILE A 55 1.77 21.53 -25.87
CA ILE A 55 2.63 22.60 -25.36
C ILE A 55 3.20 22.07 -24.04
N VAL A 56 2.31 21.73 -23.10
CA VAL A 56 2.69 21.23 -21.78
C VAL A 56 3.68 20.06 -21.90
N PHE A 57 3.28 19.06 -22.68
CA PHE A 57 4.07 17.85 -22.82
C PHE A 57 5.50 18.11 -23.30
N ASN A 58 5.67 19.09 -24.19
CA ASN A 58 7.00 19.46 -24.66
C ASN A 58 7.96 19.91 -23.58
N GLU A 59 7.48 20.72 -22.64
CA GLU A 59 8.36 21.15 -21.57
C GLU A 59 8.61 20.01 -20.58
N ILE A 60 7.59 19.21 -20.29
CA ILE A 60 7.76 18.24 -19.23
C ILE A 60 8.66 17.08 -19.63
N LEU A 61 8.62 16.73 -20.92
CA LEU A 61 9.41 15.58 -21.40
C LEU A 61 10.89 15.80 -21.17
N GLN A 62 11.32 17.05 -21.25
CA GLN A 62 12.71 17.41 -21.04
C GLN A 62 13.20 17.13 -19.62
N ALA A 63 12.28 17.02 -18.66
CA ALA A 63 12.65 16.72 -17.28
C ALA A 63 11.77 15.61 -16.71
N ALA A 64 11.35 14.69 -17.57
CA ALA A 64 10.41 13.69 -17.15
C ALA A 64 10.90 12.78 -16.01
N TYR A 65 12.12 12.26 -16.11
CA TYR A 65 12.60 11.40 -15.04
C TYR A 65 12.57 12.14 -13.71
N GLN A 66 13.09 13.36 -13.71
CA GLN A 66 13.06 14.25 -12.56
C GLN A 66 11.63 14.42 -12.00
N LEU A 67 10.67 14.72 -12.86
CA LEU A 67 9.28 14.90 -12.42
C LEU A 67 8.63 13.62 -11.92
N MET A 68 9.07 12.48 -12.45
CA MET A 68 8.49 11.21 -12.02
C MET A 68 8.85 10.90 -10.57
N THR A 69 9.99 11.45 -10.12
CA THR A 69 10.44 11.19 -8.76
C THR A 69 10.18 12.35 -7.80
N ASP A 70 9.39 13.33 -8.25
CA ASP A 70 9.09 14.51 -7.47
C ASP A 70 7.74 14.42 -6.75
N VAL A 71 7.73 14.86 -5.51
CA VAL A 71 6.53 14.77 -4.68
C VAL A 71 5.25 15.30 -5.35
N PHE A 72 5.34 16.38 -6.11
CA PHE A 72 4.15 16.91 -6.80
C PHE A 72 4.18 16.69 -8.32
N GLY A 73 5.37 16.60 -8.90
CA GLY A 73 5.49 16.49 -10.32
C GLY A 73 4.93 15.18 -10.80
N ASN A 74 5.00 14.16 -9.95
CA ASN A 74 4.62 12.84 -10.38
C ASN A 74 3.17 12.81 -10.84
N TYR A 75 2.34 13.68 -10.25
CA TYR A 75 0.92 13.74 -10.58
C TYR A 75 0.66 14.20 -12.01
N VAL A 76 1.50 15.13 -12.48
CA VAL A 76 1.40 15.65 -13.84
C VAL A 76 1.80 14.56 -14.84
N ILE A 77 2.85 13.80 -14.52
CA ILE A 77 3.20 12.65 -15.34
C ILE A 77 2.04 11.64 -15.39
N GLN A 78 1.43 11.38 -14.23
CA GLN A 78 0.29 10.48 -14.16
C GLN A 78 -0.87 10.92 -15.09
N LYS A 79 -1.14 12.22 -15.14
CA LYS A 79 -2.26 12.71 -15.93
C LYS A 79 -2.06 12.40 -17.43
N PHE A 80 -0.81 12.43 -17.90
CA PHE A 80 -0.54 12.09 -19.27
C PHE A 80 -0.79 10.63 -19.58
N PHE A 81 -0.66 9.77 -18.58
CA PHE A 81 -1.03 8.39 -18.78
C PHE A 81 -2.54 8.20 -18.87
N GLU A 82 -3.31 9.19 -18.38
CA GLU A 82 -4.78 9.14 -18.45
C GLU A 82 -5.38 9.84 -19.66
N PHE A 83 -4.76 10.91 -20.12
CA PHE A 83 -5.42 11.84 -21.05
C PHE A 83 -4.58 12.02 -22.30
N GLY A 84 -3.42 11.38 -22.31
CA GLY A 84 -2.39 11.65 -23.31
C GLY A 84 -2.52 10.80 -24.54
N SER A 85 -1.90 11.26 -25.63
CA SER A 85 -1.91 10.57 -26.90
C SER A 85 -1.01 9.33 -26.86
N LEU A 86 -1.22 8.41 -27.80
CA LEU A 86 -0.31 7.28 -27.97
C LEU A 86 1.13 7.76 -28.08
N ASP A 87 1.37 8.75 -28.93
CA ASP A 87 2.64 9.45 -29.01
C ASP A 87 3.20 9.80 -27.62
N GLN A 88 2.43 10.56 -26.86
CA GLN A 88 2.79 11.04 -25.52
C GLN A 88 3.09 9.91 -24.54
N LYS A 89 2.24 8.88 -24.58
CA LYS A 89 2.44 7.71 -23.72
C LYS A 89 3.67 6.90 -24.11
N LEU A 90 3.92 6.75 -25.41
CA LEU A 90 5.12 6.08 -25.85
C LEU A 90 6.35 6.87 -25.40
N ALA A 91 6.38 8.19 -25.62
CA ALA A 91 7.52 9.01 -25.23
C ALA A 91 7.87 8.75 -23.74
N LEU A 92 6.86 8.84 -22.87
CA LEU A 92 7.05 8.62 -21.43
C LEU A 92 7.58 7.22 -21.15
N ALA A 93 6.97 6.21 -21.75
CA ALA A 93 7.45 4.84 -21.57
C ALA A 93 8.92 4.70 -21.98
N THR A 94 9.36 5.52 -22.93
CA THR A 94 10.75 5.51 -23.34
C THR A 94 11.67 6.10 -22.26
N ARG A 95 11.21 7.15 -21.57
CA ARG A 95 11.97 7.68 -20.45
C ARG A 95 12.03 6.70 -19.29
N ILE A 96 11.00 5.86 -19.13
CA ILE A 96 11.00 4.89 -18.06
C ILE A 96 11.89 3.68 -18.37
N ARG A 97 11.85 3.24 -19.63
CA ARG A 97 12.61 2.07 -20.09
C ARG A 97 14.02 2.21 -19.61
N GLY A 98 14.57 1.12 -19.08
CA GLY A 98 15.92 1.13 -18.54
C GLY A 98 15.96 1.51 -17.08
N HIS A 99 14.90 2.15 -16.57
CA HIS A 99 14.97 2.61 -15.19
C HIS A 99 13.83 2.16 -14.30
N VAL A 100 13.18 1.05 -14.67
CA VAL A 100 12.01 0.60 -13.93
C VAL A 100 12.40 0.30 -12.49
N LEU A 101 13.53 -0.39 -12.32
CA LEU A 101 13.96 -0.72 -10.97
C LEU A 101 14.09 0.51 -10.03
N PRO A 102 14.99 1.47 -10.35
CA PRO A 102 15.02 2.52 -9.34
C PRO A 102 13.73 3.37 -9.25
N LEU A 103 12.90 3.45 -10.29
CA LEU A 103 11.60 4.10 -10.12
C LEU A 103 10.69 3.28 -9.19
N ALA A 104 10.55 1.98 -9.48
CA ALA A 104 9.75 1.09 -8.65
C ALA A 104 10.14 1.22 -7.20
N LEU A 105 11.43 1.42 -6.92
CA LEU A 105 11.88 1.48 -5.52
C LEU A 105 11.76 2.87 -4.92
N GLN A 106 11.41 3.87 -5.74
CA GLN A 106 11.27 5.25 -5.28
C GLN A 106 9.82 5.56 -4.93
N MET A 107 9.68 6.39 -3.90
CA MET A 107 8.38 6.72 -3.32
C MET A 107 7.35 7.30 -4.28
N TYR A 108 7.77 8.13 -5.23
CA TYR A 108 6.82 8.71 -6.18
C TYR A 108 6.90 8.00 -7.53
N GLY A 109 8.10 7.54 -7.89
CA GLY A 109 8.27 6.79 -9.12
C GLY A 109 7.40 5.56 -9.17
N CYS A 110 7.26 4.89 -8.03
CA CYS A 110 6.42 3.71 -8.03
C CYS A 110 4.97 4.04 -8.30
N ARG A 111 4.53 5.26 -8.00
CA ARG A 111 3.16 5.63 -8.32
C ARG A 111 3.04 5.79 -9.84
N VAL A 112 4.09 6.32 -10.45
CA VAL A 112 4.11 6.52 -11.90
C VAL A 112 4.05 5.17 -12.58
N ILE A 113 4.88 4.22 -12.12
CA ILE A 113 4.95 2.90 -12.70
C ILE A 113 3.57 2.21 -12.61
N GLN A 114 2.95 2.30 -11.44
CA GLN A 114 1.62 1.75 -11.27
C GLN A 114 0.65 2.32 -12.30
N LYS A 115 0.68 3.63 -12.50
CA LYS A 115 -0.21 4.26 -13.45
C LYS A 115 0.05 3.79 -14.86
N ALA A 116 1.32 3.77 -15.22
CA ALA A 116 1.77 3.32 -16.52
C ALA A 116 1.22 1.93 -16.82
N LEU A 117 1.27 1.04 -15.84
CA LEU A 117 0.83 -0.33 -16.03
C LEU A 117 -0.68 -0.45 -16.32
N GLU A 118 -1.48 0.53 -15.91
CA GLU A 118 -2.90 0.55 -16.23
C GLU A 118 -3.18 1.15 -17.60
N SER A 119 -2.16 1.68 -18.26
CA SER A 119 -2.36 2.61 -19.35
C SER A 119 -1.69 2.18 -20.64
N ILE A 120 -0.92 1.10 -20.63
CA ILE A 120 -0.14 0.74 -21.80
C ILE A 120 -0.49 -0.65 -22.34
N SER A 121 -0.04 -0.96 -23.56
CA SER A 121 -0.35 -2.24 -24.20
C SER A 121 0.30 -3.41 -23.44
N SER A 122 -0.26 -4.61 -23.58
CA SER A 122 0.30 -5.81 -22.96
C SER A 122 1.77 -5.98 -23.25
N ASP A 123 2.17 -5.65 -24.48
CA ASP A 123 3.56 -5.72 -24.91
C ASP A 123 4.47 -4.83 -24.07
N GLN A 124 4.06 -3.57 -23.94
CA GLN A 124 4.80 -2.63 -23.15
C GLN A 124 4.74 -2.93 -21.66
N GLN A 125 3.65 -3.54 -21.22
CA GLN A 125 3.51 -4.00 -19.85
C GLN A 125 4.56 -5.03 -19.56
N SER A 126 4.59 -6.07 -20.39
CA SER A 126 5.48 -7.17 -20.24
C SER A 126 6.94 -6.71 -20.30
N GLU A 127 7.25 -5.76 -21.18
CA GLU A 127 8.60 -5.23 -21.23
C GLU A 127 9.04 -4.53 -19.95
N MET A 128 8.15 -3.72 -19.39
CA MET A 128 8.44 -3.06 -18.14
C MET A 128 8.68 -4.06 -17.02
N VAL A 129 7.74 -4.96 -16.82
CA VAL A 129 7.84 -6.00 -15.81
C VAL A 129 9.17 -6.78 -15.87
N LYS A 130 9.63 -7.12 -17.07
CA LYS A 130 10.88 -7.86 -17.27
C LYS A 130 12.03 -7.23 -16.48
N GLU A 131 12.08 -5.90 -16.48
CA GLU A 131 13.21 -5.20 -15.88
C GLU A 131 13.44 -5.56 -14.44
N LEU A 132 12.44 -6.11 -13.78
CA LEU A 132 12.53 -6.47 -12.37
C LEU A 132 13.16 -7.85 -12.20
N ASP A 133 13.33 -8.56 -13.31
CA ASP A 133 13.85 -9.91 -13.25
C ASP A 133 15.26 -9.89 -12.66
N GLY A 134 15.45 -10.62 -11.57
CA GLY A 134 16.71 -10.54 -10.82
C GLY A 134 16.60 -9.75 -9.52
N HIS A 135 15.43 -9.15 -9.27
CA HIS A 135 15.23 -8.24 -8.16
C HIS A 135 13.82 -8.40 -7.57
N VAL A 136 13.16 -9.53 -7.85
CA VAL A 136 11.78 -9.70 -7.38
C VAL A 136 11.70 -9.63 -5.86
N LEU A 137 12.50 -10.41 -5.16
CA LEU A 137 12.43 -10.44 -3.68
C LEU A 137 12.74 -9.11 -3.06
N LYS A 138 13.79 -8.44 -3.54
CA LYS A 138 14.04 -7.05 -3.12
C LYS A 138 12.78 -6.16 -3.23
N CYS A 139 12.14 -6.17 -4.40
CA CYS A 139 10.93 -5.38 -4.60
C CYS A 139 9.73 -5.84 -3.77
N VAL A 140 9.52 -7.14 -3.67
CA VAL A 140 8.44 -7.68 -2.84
C VAL A 140 8.54 -7.14 -1.40
N LYS A 141 9.76 -7.05 -0.87
CA LYS A 141 9.94 -6.64 0.50
C LYS A 141 10.08 -5.12 0.66
N ASP A 142 10.22 -4.41 -0.45
CA ASP A 142 10.35 -2.95 -0.40
C ASP A 142 9.01 -2.22 -0.19
N GLN A 143 9.05 -1.20 0.67
CA GLN A 143 7.87 -0.37 0.95
C GLN A 143 7.34 0.35 -0.28
N ASN A 144 8.17 0.60 -1.27
CA ASN A 144 7.65 1.17 -2.49
C ASN A 144 7.40 0.05 -3.48
N GLY A 145 8.39 -0.81 -3.69
CA GLY A 145 8.37 -1.79 -4.75
C GLY A 145 7.19 -2.73 -4.66
N ASN A 146 6.76 -3.04 -3.45
CA ASN A 146 5.73 -4.05 -3.33
C ASN A 146 4.43 -3.63 -4.00
N HIS A 147 4.15 -2.31 -4.01
CA HIS A 147 3.01 -1.81 -4.76
C HIS A 147 3.18 -2.03 -6.28
N VAL A 148 4.40 -1.86 -6.78
CA VAL A 148 4.64 -2.14 -8.15
C VAL A 148 4.34 -3.60 -8.44
N VAL A 149 4.88 -4.49 -7.61
CA VAL A 149 4.70 -5.91 -7.88
C VAL A 149 3.21 -6.25 -7.86
N GLN A 150 2.51 -5.74 -6.86
CA GLN A 150 1.05 -5.95 -6.76
C GLN A 150 0.29 -5.48 -8.02
N LYS A 151 0.60 -4.29 -8.49
CA LYS A 151 -0.05 -3.83 -9.68
C LYS A 151 0.22 -4.75 -10.89
N CYS A 152 1.43 -5.31 -10.99
CA CYS A 152 1.77 -6.26 -12.02
C CYS A 152 0.83 -7.45 -11.97
N ILE A 153 0.72 -8.04 -10.78
CA ILE A 153 -0.04 -9.25 -10.61
C ILE A 153 -1.49 -9.04 -10.97
N GLU A 154 -1.91 -7.80 -10.88
CA GLU A 154 -3.28 -7.42 -11.08
C GLU A 154 -3.60 -7.10 -12.54
N CYS A 155 -2.60 -6.73 -13.34
CA CYS A 155 -2.85 -6.18 -14.67
C CYS A 155 -2.22 -6.95 -15.79
N VAL A 156 -1.14 -7.67 -15.51
CA VAL A 156 -0.35 -8.23 -16.57
C VAL A 156 -0.76 -9.67 -16.80
N GLN A 157 -0.84 -10.06 -18.08
CA GLN A 157 -1.10 -11.45 -18.47
C GLN A 157 -0.24 -12.41 -17.64
N PRO A 158 -0.90 -13.35 -16.95
CA PRO A 158 -0.23 -14.19 -15.96
C PRO A 158 0.98 -15.00 -16.49
N GLN A 159 0.95 -15.40 -17.75
CA GLN A 159 2.08 -16.03 -18.38
C GLN A 159 3.34 -15.17 -18.14
N SER A 160 3.19 -13.87 -18.38
CA SER A 160 4.28 -12.90 -18.20
C SER A 160 4.76 -12.71 -16.77
N LEU A 161 4.10 -13.32 -15.80
CA LEU A 161 4.53 -13.17 -14.41
C LEU A 161 5.23 -14.42 -13.85
N GLN A 162 5.48 -15.42 -14.70
CA GLN A 162 6.09 -16.67 -14.26
C GLN A 162 7.36 -16.43 -13.48
N PHE A 163 8.21 -15.56 -14.01
CA PHE A 163 9.50 -15.23 -13.38
C PHE A 163 9.34 -14.75 -11.92
N ILE A 164 8.27 -13.98 -11.65
CA ILE A 164 7.93 -13.61 -10.26
C ILE A 164 7.58 -14.85 -9.43
N ILE A 165 6.72 -15.74 -9.94
CA ILE A 165 6.38 -16.97 -9.21
C ILE A 165 7.65 -17.78 -8.95
N ASP A 166 8.48 -17.92 -9.98
CA ASP A 166 9.71 -18.68 -9.88
C ASP A 166 10.62 -18.18 -8.75
N ALA A 167 10.75 -16.86 -8.64
CA ALA A 167 11.60 -16.23 -7.63
C ALA A 167 11.19 -16.56 -6.20
N PHE A 168 9.97 -17.03 -6.03
CA PHE A 168 9.46 -17.41 -4.71
C PHE A 168 9.87 -18.81 -4.19
N LYS A 169 10.50 -19.64 -5.03
CA LYS A 169 10.84 -20.98 -4.58
C LYS A 169 11.59 -20.89 -3.24
N GLY A 170 11.12 -21.63 -2.23
CA GLY A 170 11.74 -21.59 -0.92
C GLY A 170 11.47 -20.34 -0.10
N GLN A 171 10.77 -19.36 -0.64
CA GLN A 171 10.56 -18.12 0.11
C GLN A 171 9.14 -17.90 0.60
N VAL A 172 8.25 -18.85 0.33
CA VAL A 172 6.84 -18.63 0.63
C VAL A 172 6.60 -18.37 2.11
N PHE A 173 7.20 -19.16 2.99
CA PHE A 173 7.02 -18.98 4.42
C PHE A 173 7.52 -17.63 4.91
N VAL A 174 8.76 -17.32 4.57
CA VAL A 174 9.38 -16.04 4.93
C VAL A 174 8.56 -14.85 4.45
N LEU A 175 8.15 -14.87 3.19
CA LEU A 175 7.40 -13.78 2.62
C LEU A 175 5.98 -13.69 3.16
N SER A 176 5.42 -14.82 3.61
CA SER A 176 4.05 -14.83 4.13
C SER A 176 3.99 -14.20 5.51
N THR A 177 5.11 -14.21 6.22
CA THR A 177 5.17 -13.65 7.54
C THR A 177 5.76 -12.24 7.49
N HIS A 178 5.79 -11.66 6.29
CA HIS A 178 6.34 -10.34 6.09
C HIS A 178 5.23 -9.29 5.86
N PRO A 179 5.32 -8.15 6.56
CA PRO A 179 4.35 -7.05 6.46
C PRO A 179 3.88 -6.74 5.03
N TYR A 180 4.82 -6.73 4.08
CA TYR A 180 4.52 -6.40 2.69
C TYR A 180 4.44 -7.68 1.85
N GLY A 181 5.38 -8.61 2.06
CA GLY A 181 5.35 -9.89 1.34
C GLY A 181 3.96 -10.53 1.26
N CYS A 182 3.32 -10.70 2.41
CA CYS A 182 2.04 -11.39 2.48
C CYS A 182 0.98 -10.81 1.56
N ARG A 183 1.05 -9.52 1.31
CA ARG A 183 0.07 -8.90 0.45
C ARG A 183 0.33 -9.30 -0.99
N VAL A 184 1.60 -9.45 -1.36
CA VAL A 184 1.92 -9.96 -2.69
C VAL A 184 1.43 -11.40 -2.83
N ILE A 185 1.66 -12.23 -1.82
CA ILE A 185 1.20 -13.63 -1.90
C ILE A 185 -0.31 -13.69 -2.15
N GLN A 186 -1.03 -12.80 -1.48
CA GLN A 186 -2.46 -12.69 -1.64
C GLN A 186 -2.85 -12.33 -3.08
N ARG A 187 -2.18 -11.34 -3.68
CA ARG A 187 -2.50 -10.98 -5.04
C ARG A 187 -2.29 -12.16 -5.96
N ILE A 188 -1.14 -12.83 -5.82
CA ILE A 188 -0.82 -14.02 -6.60
C ILE A 188 -1.95 -15.07 -6.55
N LEU A 189 -2.41 -15.37 -5.33
CA LEU A 189 -3.51 -16.31 -5.13
C LEU A 189 -4.78 -15.87 -5.84
N GLU A 190 -5.00 -14.57 -5.96
CA GLU A 190 -6.20 -14.03 -6.63
C GLU A 190 -6.11 -14.08 -8.16
N HIS A 191 -4.96 -13.74 -8.73
CA HIS A 191 -4.92 -13.45 -10.16
C HIS A 191 -4.23 -14.50 -11.03
N CYS A 192 -3.29 -15.23 -10.45
CA CYS A 192 -2.57 -16.24 -11.23
C CYS A 192 -3.39 -17.51 -11.44
N THR A 193 -3.04 -18.29 -12.44
CA THR A 193 -3.71 -19.55 -12.75
C THR A 193 -3.52 -20.60 -11.65
N ALA A 194 -4.45 -21.53 -11.57
CA ALA A 194 -4.33 -22.69 -10.66
C ALA A 194 -2.96 -23.36 -10.83
N GLU A 195 -2.59 -23.57 -12.10
CA GLU A 195 -1.30 -24.12 -12.52
C GLU A 195 -0.14 -23.42 -11.85
N GLN A 196 -0.07 -22.11 -12.05
CA GLN A 196 1.00 -21.28 -11.51
C GLN A 196 1.13 -21.37 -10.00
N THR A 197 0.01 -21.42 -9.30
CA THR A 197 0.05 -21.28 -7.85
C THR A 197 0.28 -22.61 -7.14
N LEU A 198 0.23 -23.71 -7.88
CA LEU A 198 0.51 -25.07 -7.34
C LEU A 198 1.67 -25.12 -6.34
N PRO A 199 2.90 -24.74 -6.77
CA PRO A 199 4.04 -24.81 -5.83
C PRO A 199 3.96 -23.81 -4.69
N ILE A 200 3.27 -22.68 -4.88
CA ILE A 200 3.00 -21.76 -3.77
C ILE A 200 2.18 -22.45 -2.66
N LEU A 201 1.03 -22.98 -3.06
CA LEU A 201 0.15 -23.68 -2.17
C LEU A 201 0.87 -24.82 -1.45
N GLU A 202 1.65 -25.58 -2.19
CA GLU A 202 2.44 -26.66 -1.63
C GLU A 202 3.29 -26.17 -0.46
N GLU A 203 3.91 -25.00 -0.65
CA GLU A 203 4.82 -24.43 0.33
C GLU A 203 4.05 -23.96 1.58
N LEU A 204 2.87 -23.39 1.35
CA LEU A 204 1.96 -22.97 2.43
C LEU A 204 1.49 -24.12 3.30
N HIS A 205 1.17 -25.24 2.67
CA HIS A 205 0.64 -26.38 3.42
C HIS A 205 1.69 -26.90 4.40
N GLN A 206 2.96 -26.90 3.99
CA GLN A 206 4.04 -27.34 4.84
C GLN A 206 4.29 -26.47 6.08
N HIS A 207 3.67 -25.30 6.16
CA HIS A 207 3.88 -24.42 7.31
C HIS A 207 2.61 -23.90 7.95
N THR A 208 1.50 -24.56 7.64
CA THR A 208 0.19 -24.18 8.16
C THR A 208 0.25 -23.88 9.68
N GLU A 209 0.83 -24.80 10.45
CA GLU A 209 0.91 -24.59 11.89
C GLU A 209 1.54 -23.24 12.32
N GLN A 210 2.75 -22.92 11.81
CA GLN A 210 3.37 -21.62 12.14
C GLN A 210 2.60 -20.44 11.56
N LEU A 211 2.12 -20.62 10.33
CA LEU A 211 1.43 -19.56 9.61
C LEU A 211 0.17 -19.08 10.31
N VAL A 212 -0.67 -20.02 10.75
CA VAL A 212 -1.93 -19.62 11.39
C VAL A 212 -1.69 -18.79 12.65
N GLN A 213 -0.51 -18.94 13.27
CA GLN A 213 -0.18 -18.23 14.49
C GLN A 213 0.53 -16.91 14.27
N ASP A 214 1.04 -16.68 13.05
CA ASP A 214 1.79 -15.49 12.72
C ASP A 214 0.85 -14.33 12.41
N GLN A 215 1.29 -13.12 12.78
CA GLN A 215 0.46 -11.91 12.68
C GLN A 215 0.14 -11.48 11.25
N TYR A 216 0.95 -11.94 10.28
CA TYR A 216 0.68 -11.66 8.88
C TYR A 216 0.28 -12.98 8.22
N GLY A 217 1.01 -14.04 8.54
CA GLY A 217 0.77 -15.37 7.97
C GLY A 217 -0.67 -15.82 8.05
N ASN A 218 -1.35 -15.50 9.15
CA ASN A 218 -2.71 -15.99 9.32
C ASN A 218 -3.59 -15.45 8.22
N TYR A 219 -3.24 -14.27 7.72
CA TYR A 219 -3.99 -13.63 6.64
C TYR A 219 -3.86 -14.39 5.31
N VAL A 220 -2.69 -14.94 5.04
CA VAL A 220 -2.49 -15.79 3.88
C VAL A 220 -3.37 -17.05 3.94
N ILE A 221 -3.37 -17.72 5.08
CA ILE A 221 -4.19 -18.92 5.24
C ILE A 221 -5.67 -18.58 5.09
N GLN A 222 -6.12 -17.56 5.80
CA GLN A 222 -7.47 -17.08 5.63
C GLN A 222 -7.85 -16.95 4.16
N HIS A 223 -6.93 -16.38 3.39
CA HIS A 223 -7.20 -16.06 2.00
C HIS A 223 -7.51 -17.32 1.20
N VAL A 224 -6.66 -18.34 1.37
CA VAL A 224 -6.95 -19.66 0.82
C VAL A 224 -8.33 -20.18 1.24
N LEU A 225 -8.71 -19.97 2.49
CA LEU A 225 -10.03 -20.42 2.92
C LEU A 225 -11.14 -19.68 2.20
N GLU A 226 -10.94 -18.39 1.92
CA GLU A 226 -11.99 -17.60 1.24
C GLU A 226 -12.03 -17.75 -0.26
N HIS A 227 -10.87 -18.00 -0.88
CA HIS A 227 -10.82 -17.97 -2.34
C HIS A 227 -10.30 -19.23 -3.04
N GLY A 228 -9.61 -20.12 -2.33
CA GLY A 228 -8.99 -21.29 -2.95
C GLY A 228 -9.93 -22.43 -3.26
N ARG A 229 -9.37 -23.50 -3.81
CA ARG A 229 -10.15 -24.69 -4.15
C ARG A 229 -10.28 -25.64 -2.96
N PRO A 230 -11.40 -26.39 -2.94
CA PRO A 230 -11.76 -27.24 -1.80
C PRO A 230 -10.60 -28.06 -1.26
N GLU A 231 -9.87 -28.72 -2.16
CA GLU A 231 -8.76 -29.58 -1.77
C GLU A 231 -7.80 -28.87 -0.82
N ASP A 232 -7.55 -27.60 -1.10
CA ASP A 232 -6.63 -26.80 -0.29
C ASP A 232 -7.25 -26.38 1.03
N LYS A 233 -8.54 -26.08 1.01
CA LYS A 233 -9.25 -25.77 2.22
C LYS A 233 -9.23 -26.98 3.16
N SER A 234 -9.51 -28.15 2.61
CA SER A 234 -9.48 -29.40 3.37
C SER A 234 -8.15 -29.67 4.10
N LYS A 235 -7.04 -29.35 3.43
CA LYS A 235 -5.72 -29.58 4.01
C LYS A 235 -5.53 -28.68 5.21
N ILE A 236 -6.02 -27.45 5.11
CA ILE A 236 -5.97 -26.50 6.22
C ILE A 236 -6.87 -26.96 7.37
N VAL A 237 -8.11 -27.28 7.04
CA VAL A 237 -9.05 -27.80 8.01
C VAL A 237 -8.48 -28.99 8.80
N SER A 238 -7.80 -29.88 8.10
CA SER A 238 -7.28 -31.06 8.77
C SER A 238 -6.15 -30.72 9.72
N GLU A 239 -5.52 -29.57 9.53
CA GLU A 239 -4.52 -29.09 10.46
C GLU A 239 -5.17 -28.45 11.69
N ILE A 240 -6.37 -27.91 11.52
CA ILE A 240 -7.13 -27.35 12.63
C ILE A 240 -7.83 -28.39 13.52
N ARG A 241 -8.36 -29.47 12.92
CA ARG A 241 -9.05 -30.50 13.70
C ARG A 241 -8.16 -31.04 14.82
N GLY A 242 -8.78 -31.27 15.98
CA GLY A 242 -8.05 -31.69 17.16
C GLY A 242 -7.54 -30.52 17.99
N LYS A 243 -7.34 -29.37 17.34
CA LYS A 243 -6.70 -28.23 17.98
C LYS A 243 -7.62 -27.02 18.06
N VAL A 244 -8.91 -27.24 17.88
CA VAL A 244 -9.86 -26.14 17.76
C VAL A 244 -9.94 -25.27 19.01
N LEU A 245 -10.09 -25.90 20.18
CA LEU A 245 -10.23 -25.16 21.44
C LEU A 245 -9.02 -24.27 21.71
N ALA A 246 -7.82 -24.82 21.59
CA ALA A 246 -6.59 -24.02 21.82
C ALA A 246 -6.46 -22.87 20.82
N LEU A 247 -6.64 -23.17 19.55
CA LEU A 247 -6.46 -22.19 18.50
C LEU A 247 -7.47 -21.06 18.54
N SER A 248 -8.67 -21.36 18.99
CA SER A 248 -9.71 -20.36 19.15
C SER A 248 -9.33 -19.24 20.08
N GLN A 249 -8.41 -19.52 21.01
CA GLN A 249 -7.99 -18.56 22.01
C GLN A 249 -6.72 -17.79 21.64
N HIS A 250 -6.12 -18.14 20.51
CA HIS A 250 -4.93 -17.48 20.04
C HIS A 250 -5.31 -16.17 19.32
N LYS A 251 -4.54 -15.10 19.54
CA LYS A 251 -4.86 -13.78 19.02
C LYS A 251 -5.11 -13.86 17.51
N PHE A 252 -4.28 -14.62 16.81
CA PHE A 252 -4.31 -14.66 15.35
C PHE A 252 -4.90 -15.94 14.81
N ALA A 253 -4.65 -17.06 15.47
CA ALA A 253 -5.14 -18.34 14.94
C ALA A 253 -6.66 -18.43 14.99
N SER A 254 -7.28 -17.71 15.93
CA SER A 254 -8.73 -17.56 16.00
C SER A 254 -9.33 -17.12 14.68
N ASN A 255 -8.65 -16.24 13.96
CA ASN A 255 -9.10 -15.82 12.63
C ASN A 255 -9.24 -16.97 11.63
N VAL A 256 -8.26 -17.86 11.64
CA VAL A 256 -8.23 -18.98 10.73
C VAL A 256 -9.30 -19.98 11.13
N VAL A 257 -9.46 -20.23 12.44
CA VAL A 257 -10.54 -21.11 12.91
C VAL A 257 -11.91 -20.59 12.49
N GLU A 258 -12.17 -19.31 12.73
CA GLU A 258 -13.40 -18.65 12.28
C GLU A 258 -13.68 -18.89 10.80
N LYS A 259 -12.65 -18.70 9.98
CA LYS A 259 -12.75 -18.85 8.53
C LYS A 259 -13.04 -20.27 8.12
N CYS A 260 -12.50 -21.24 8.84
CA CYS A 260 -12.86 -22.63 8.59
C CYS A 260 -14.34 -22.85 8.84
N VAL A 261 -14.88 -22.28 9.91
CA VAL A 261 -16.30 -22.46 10.23
C VAL A 261 -17.18 -21.86 9.14
N THR A 262 -16.70 -20.79 8.51
CA THR A 262 -17.50 -19.99 7.59
C THR A 262 -17.34 -20.44 6.15
N HIS A 263 -16.19 -20.98 5.79
CA HIS A 263 -15.89 -21.14 4.39
C HIS A 263 -15.43 -22.53 4.05
N ALA A 264 -15.34 -23.40 5.05
CA ALA A 264 -15.06 -24.80 4.77
C ALA A 264 -16.29 -25.50 4.20
N SER A 265 -16.15 -26.72 3.70
CA SER A 265 -17.33 -27.47 3.28
C SER A 265 -18.24 -27.78 4.49
N ARG A 266 -19.50 -28.14 4.21
CA ARG A 266 -20.50 -28.30 5.28
C ARG A 266 -20.17 -29.44 6.22
N ALA A 267 -19.63 -30.51 5.66
CA ALA A 267 -19.09 -31.61 6.44
C ALA A 267 -18.03 -31.07 7.39
N GLU A 268 -17.00 -30.45 6.84
CA GLU A 268 -15.97 -29.87 7.70
C GLU A 268 -16.54 -28.98 8.82
N ARG A 269 -17.48 -28.09 8.49
CA ARG A 269 -18.12 -27.26 9.50
C ARG A 269 -18.64 -28.11 10.65
N ALA A 270 -19.42 -29.13 10.29
CA ALA A 270 -20.08 -29.95 11.26
C ALA A 270 -19.06 -30.54 12.20
N LEU A 271 -17.96 -31.02 11.61
CA LEU A 271 -16.91 -31.70 12.33
C LEU A 271 -16.29 -30.77 13.37
N LEU A 272 -15.95 -29.55 12.95
CA LEU A 272 -15.41 -28.54 13.85
C LEU A 272 -16.40 -28.16 14.98
N ILE A 273 -17.70 -28.05 14.65
CA ILE A 273 -18.68 -27.71 15.67
C ILE A 273 -18.76 -28.83 16.69
N ASP A 274 -18.86 -30.06 16.19
CA ASP A 274 -18.96 -31.26 17.02
C ASP A 274 -17.78 -31.44 17.98
N GLU A 275 -16.57 -31.11 17.53
CA GLU A 275 -15.36 -31.20 18.35
C GLU A 275 -15.47 -30.43 19.66
N VAL A 276 -16.14 -29.29 19.57
CA VAL A 276 -16.24 -28.36 20.68
C VAL A 276 -17.48 -28.61 21.57
N CYS A 277 -18.49 -29.32 21.05
CA CYS A 277 -19.66 -29.72 21.84
C CYS A 277 -19.44 -30.96 22.71
N CYS A 278 -18.46 -31.78 22.35
CA CYS A 278 -18.19 -33.03 23.07
C CYS A 278 -17.09 -32.92 24.10
N GLN A 279 -16.06 -32.16 23.75
CA GLN A 279 -14.88 -32.02 24.58
C GLN A 279 -15.14 -31.22 25.86
N ASN A 280 -14.62 -31.75 26.97
CA ASN A 280 -14.55 -31.02 28.22
C ASN A 280 -13.23 -30.24 28.32
N ASP A 281 -13.22 -29.25 29.20
CA ASP A 281 -12.01 -28.47 29.47
C ASP A 281 -11.84 -28.27 30.97
N GLY A 282 -10.89 -29.01 31.55
CA GLY A 282 -10.79 -29.13 33.01
C GLY A 282 -12.10 -29.68 33.52
N PRO A 283 -12.69 -29.04 34.55
CA PRO A 283 -14.03 -29.43 34.99
C PRO A 283 -15.15 -29.07 33.98
N HIS A 284 -15.16 -27.83 33.50
CA HIS A 284 -16.26 -27.33 32.68
C HIS A 284 -16.17 -27.73 31.20
N SER A 285 -17.10 -27.23 30.39
CA SER A 285 -17.20 -27.57 28.96
C SER A 285 -16.30 -26.69 28.06
N ALA A 286 -15.90 -27.22 26.91
CA ALA A 286 -15.04 -26.52 25.97
C ALA A 286 -15.69 -25.25 25.47
N LEU A 287 -17.01 -25.31 25.32
CA LEU A 287 -17.80 -24.16 24.91
C LEU A 287 -17.74 -23.06 25.97
N TYR A 288 -17.82 -23.48 27.23
CA TYR A 288 -17.72 -22.59 28.39
C TYR A 288 -16.47 -21.72 28.29
N THR A 289 -15.31 -22.36 28.20
CA THR A 289 -14.04 -21.65 27.98
C THR A 289 -14.22 -20.66 26.85
N MET A 290 -14.65 -21.18 25.71
CA MET A 290 -14.68 -20.43 24.47
C MET A 290 -15.57 -19.20 24.53
N MET A 291 -16.80 -19.37 24.99
CA MET A 291 -17.75 -18.28 24.92
C MET A 291 -17.34 -17.10 25.81
N LYS A 292 -16.43 -17.35 26.76
CA LYS A 292 -15.93 -16.31 27.67
C LYS A 292 -14.60 -15.70 27.23
N ASP A 293 -13.96 -16.29 26.22
CA ASP A 293 -12.69 -15.79 25.71
C ASP A 293 -12.87 -14.64 24.70
N GLN A 294 -12.02 -13.63 24.80
CA GLN A 294 -12.12 -12.44 23.94
C GLN A 294 -11.96 -12.78 22.45
N TYR A 295 -11.19 -13.82 22.15
CA TYR A 295 -11.02 -14.26 20.79
C TYR A 295 -12.01 -15.37 20.45
N ALA A 296 -11.98 -16.47 21.20
CA ALA A 296 -12.80 -17.66 20.89
C ALA A 296 -14.33 -17.48 20.78
N ASN A 297 -14.89 -16.48 21.46
CA ASN A 297 -16.32 -16.36 21.46
C ASN A 297 -16.84 -16.02 20.07
N TYR A 298 -16.06 -15.27 19.29
CA TYR A 298 -16.45 -14.93 17.92
C TYR A 298 -16.60 -16.20 17.08
N VAL A 299 -15.76 -17.17 17.37
CA VAL A 299 -15.86 -18.47 16.75
C VAL A 299 -17.21 -19.12 17.10
N VAL A 300 -17.55 -19.16 18.38
CA VAL A 300 -18.86 -19.67 18.79
C VAL A 300 -20.02 -18.96 18.07
N GLN A 301 -19.97 -17.63 17.99
CA GLN A 301 -20.98 -16.83 17.27
C GLN A 301 -21.20 -17.34 15.85
N LYS A 302 -20.08 -17.45 15.13
CA LYS A 302 -20.11 -17.93 13.76
C LYS A 302 -20.60 -19.37 13.73
N MET A 303 -20.19 -20.17 14.71
CA MET A 303 -20.63 -21.56 14.77
C MET A 303 -22.14 -21.69 14.89
N ILE A 304 -22.75 -20.85 15.71
CA ILE A 304 -24.21 -20.79 15.78
C ILE A 304 -24.85 -20.36 14.45
N ASP A 305 -24.22 -19.39 13.78
CA ASP A 305 -24.69 -18.89 12.50
C ASP A 305 -24.68 -19.95 11.40
N MET A 306 -23.71 -20.85 11.46
CA MET A 306 -23.47 -21.81 10.38
C MET A 306 -24.05 -23.20 10.68
N ALA A 307 -24.29 -23.50 11.95
CA ALA A 307 -24.81 -24.82 12.31
C ALA A 307 -26.19 -25.09 11.71
N GLU A 308 -26.41 -26.33 11.27
CA GLU A 308 -27.70 -26.79 10.83
C GLU A 308 -28.60 -26.90 12.04
N PRO A 309 -29.92 -26.69 11.87
CA PRO A 309 -30.95 -26.83 12.90
C PRO A 309 -30.61 -27.86 13.99
N ALA A 310 -30.24 -29.09 13.58
CA ALA A 310 -29.79 -30.13 14.50
C ALA A 310 -28.73 -29.62 15.48
N GLN A 311 -27.57 -29.24 14.95
CA GLN A 311 -26.43 -28.87 15.80
C GLN A 311 -26.66 -27.59 16.60
N ARG A 312 -27.43 -26.66 16.02
CA ARG A 312 -27.81 -25.45 16.74
C ARG A 312 -28.68 -25.79 17.94
N LYS A 313 -29.44 -26.87 17.85
CA LYS A 313 -30.24 -27.34 19.00
C LYS A 313 -29.33 -27.90 20.10
N ILE A 314 -28.29 -28.63 19.71
CA ILE A 314 -27.30 -29.12 20.68
C ILE A 314 -26.61 -27.95 21.39
N ILE A 315 -26.12 -27.00 20.60
CA ILE A 315 -25.34 -25.90 21.14
C ILE A 315 -26.12 -25.14 22.21
N MET A 316 -27.26 -24.57 21.83
CA MET A 316 -28.06 -23.74 22.74
C MET A 316 -28.44 -24.47 24.04
N HIS A 317 -28.38 -25.80 24.01
CA HIS A 317 -28.65 -26.60 25.19
C HIS A 317 -27.43 -26.76 26.10
N LYS A 318 -26.25 -26.72 25.49
CA LYS A 318 -24.97 -26.69 26.22
C LYS A 318 -24.72 -25.29 26.79
N ILE A 319 -25.29 -24.29 26.13
CA ILE A 319 -25.14 -22.88 26.54
C ILE A 319 -26.07 -22.57 27.70
N ARG A 320 -27.35 -22.98 27.57
CA ARG A 320 -28.41 -22.60 28.51
C ARG A 320 -28.05 -22.60 30.00
N PRO A 321 -27.39 -23.67 30.53
CA PRO A 321 -27.13 -23.67 31.98
C PRO A 321 -26.06 -22.67 32.46
N HIS A 322 -25.76 -21.66 31.66
CA HIS A 322 -24.71 -20.70 32.02
C HIS A 322 -25.06 -19.24 31.70
N ILE A 323 -26.35 -18.97 31.42
CA ILE A 323 -26.84 -17.62 31.12
C ILE A 323 -26.43 -16.59 32.19
N THR A 324 -26.70 -16.92 33.45
CA THR A 324 -26.31 -16.07 34.57
C THR A 324 -24.81 -15.78 34.53
N THR A 325 -24.00 -16.81 34.34
CA THR A 325 -22.55 -16.65 34.32
C THR A 325 -22.00 -16.29 32.93
N LEU A 326 -22.90 -15.94 32.01
CA LEU A 326 -22.51 -15.52 30.66
C LEU A 326 -22.66 -14.01 30.51
N ARG A 327 -23.70 -13.46 31.15
CA ARG A 327 -24.02 -12.02 31.07
C ARG A 327 -22.94 -11.08 31.65
N LYS A 328 -21.88 -11.66 32.20
CA LYS A 328 -20.68 -10.92 32.61
C LYS A 328 -20.07 -10.17 31.42
N TYR A 329 -20.08 -10.83 30.26
CA TYR A 329 -19.36 -10.39 29.06
C TYR A 329 -20.27 -9.72 28.04
N THR A 330 -19.81 -8.60 27.49
CA THR A 330 -20.58 -7.86 26.48
C THR A 330 -20.72 -8.70 25.22
N TYR A 331 -19.65 -9.37 24.80
CA TYR A 331 -19.75 -10.30 23.66
C TYR A 331 -20.65 -11.51 23.97
N GLY A 332 -21.17 -11.54 25.19
CA GLY A 332 -22.20 -12.49 25.54
C GLY A 332 -23.54 -12.01 25.03
N LYS A 333 -23.66 -10.71 24.78
CA LYS A 333 -24.89 -10.10 24.29
C LYS A 333 -25.20 -10.54 22.88
N HIS A 334 -24.17 -10.79 22.07
CA HIS A 334 -24.40 -11.28 20.72
C HIS A 334 -24.88 -12.73 20.81
N ILE A 335 -24.30 -13.52 21.74
CA ILE A 335 -24.67 -14.93 21.92
C ILE A 335 -26.10 -15.05 22.45
N LEU A 336 -26.45 -14.19 23.39
CA LEU A 336 -27.78 -14.19 23.96
C LEU A 336 -28.84 -13.72 22.96
N ALA A 337 -28.48 -12.78 22.09
CA ALA A 337 -29.37 -12.28 21.04
C ALA A 337 -29.80 -13.38 20.08
N LYS A 338 -28.88 -14.30 19.76
CA LYS A 338 -29.16 -15.44 18.90
C LYS A 338 -29.88 -16.53 19.69
N LEU A 339 -29.69 -16.52 21.01
CA LEU A 339 -30.32 -17.47 21.92
C LEU A 339 -31.80 -17.15 22.11
N GLU A 340 -32.11 -15.88 22.36
CA GLU A 340 -33.48 -15.44 22.55
C GLU A 340 -34.24 -15.37 21.23
N LYS A 341 -33.50 -15.21 20.13
CA LYS A 341 -34.06 -15.23 18.78
C LYS A 341 -34.20 -16.66 18.27
N TYR A 342 -34.12 -17.62 19.19
CA TYR A 342 -34.27 -19.04 18.84
C TYR A 342 -35.49 -19.70 19.50
N TYR A 343 -35.84 -19.28 20.71
CA TYR A 343 -37.14 -19.65 21.29
C TYR A 343 -38.04 -18.43 21.20
N LEU A 344 -39.17 -18.57 20.50
CA LEU A 344 -40.14 -17.49 20.26
C LEU A 344 -39.47 -16.15 19.95
N GLY B 3 -19.86 -21.03 -12.74
CA GLY B 3 -19.93 -22.18 -11.79
C GLY B 3 -21.35 -22.46 -11.29
N ARG B 4 -22.30 -21.68 -11.78
CA ARG B 4 -23.71 -21.78 -11.37
C ARG B 4 -24.63 -21.74 -12.58
N SER B 5 -24.47 -20.72 -13.42
CA SER B 5 -25.24 -20.57 -14.63
C SER B 5 -24.62 -21.38 -15.74
N ARG B 6 -25.49 -21.95 -16.59
CA ARG B 6 -25.05 -22.52 -17.84
C ARG B 6 -24.46 -21.38 -18.67
N LEU B 7 -25.17 -20.26 -18.74
CA LEU B 7 -24.66 -19.08 -19.46
C LEU B 7 -23.22 -18.74 -19.06
N LEU B 8 -22.95 -18.64 -17.77
CA LEU B 8 -21.59 -18.35 -17.31
C LEU B 8 -20.61 -19.44 -17.73
N GLU B 9 -20.94 -20.69 -17.43
CA GLU B 9 -20.09 -21.82 -17.79
C GLU B 9 -19.84 -21.93 -19.29
N ASP B 10 -20.82 -21.51 -20.10
CA ASP B 10 -20.66 -21.52 -21.56
C ASP B 10 -19.69 -20.44 -21.98
N PHE B 11 -19.90 -19.22 -21.49
CA PHE B 11 -18.96 -18.11 -21.70
C PHE B 11 -17.58 -18.53 -21.26
N ARG B 12 -17.52 -19.15 -20.08
CA ARG B 12 -16.24 -19.53 -19.50
C ARG B 12 -15.51 -20.52 -20.40
N ASN B 13 -16.24 -21.10 -21.36
CA ASN B 13 -15.66 -22.07 -22.32
C ASN B 13 -15.66 -21.63 -23.78
N ASN B 14 -15.60 -20.31 -23.98
CA ASN B 14 -15.57 -19.69 -25.33
C ASN B 14 -16.66 -20.16 -26.30
N ARG B 15 -17.85 -20.37 -25.74
CA ARG B 15 -19.06 -20.67 -26.51
C ARG B 15 -19.66 -19.40 -27.13
N PHE B 16 -19.29 -18.22 -26.61
CA PHE B 16 -19.83 -16.96 -27.10
C PHE B 16 -18.73 -15.95 -27.48
N PRO B 17 -18.08 -16.16 -28.66
CA PRO B 17 -17.08 -15.20 -29.15
C PRO B 17 -17.64 -13.78 -29.35
N ASN B 18 -18.90 -13.65 -29.76
CA ASN B 18 -19.48 -12.33 -29.98
C ASN B 18 -20.43 -11.84 -28.90
N LEU B 19 -20.13 -12.21 -27.64
CA LEU B 19 -21.02 -11.93 -26.52
C LEU B 19 -21.11 -10.43 -26.22
N GLN B 20 -22.28 -10.00 -25.78
CA GLN B 20 -22.55 -8.59 -25.53
C GLN B 20 -23.28 -8.41 -24.20
N LEU B 21 -23.15 -7.20 -23.64
CA LEU B 21 -23.77 -6.86 -22.38
C LEU B 21 -25.26 -7.20 -22.35
N ARG B 22 -26.02 -6.83 -23.38
CA ARG B 22 -27.45 -7.12 -23.39
C ARG B 22 -27.74 -8.62 -23.25
N ASP B 23 -26.81 -9.47 -23.70
CA ASP B 23 -26.91 -10.93 -23.51
C ASP B 23 -26.89 -11.36 -22.05
N LEU B 24 -26.41 -10.48 -21.17
CA LEU B 24 -26.15 -10.84 -19.79
C LEU B 24 -27.30 -10.49 -18.84
N ILE B 25 -28.44 -10.01 -19.38
CA ILE B 25 -29.56 -9.58 -18.53
C ILE B 25 -29.92 -10.70 -17.56
N GLY B 26 -30.01 -10.36 -16.28
CA GLY B 26 -30.35 -11.33 -15.23
C GLY B 26 -29.15 -12.16 -14.77
N HIS B 27 -27.95 -11.70 -15.11
CA HIS B 27 -26.74 -12.46 -14.79
C HIS B 27 -25.54 -11.56 -14.50
N ILE B 28 -25.77 -10.25 -14.49
CA ILE B 28 -24.70 -9.27 -14.33
C ILE B 28 -23.91 -9.54 -13.06
N VAL B 29 -24.62 -9.75 -11.96
CA VAL B 29 -23.99 -9.93 -10.66
C VAL B 29 -23.12 -11.18 -10.67
N GLU B 30 -23.63 -12.27 -11.24
CA GLU B 30 -22.83 -13.49 -11.29
C GLU B 30 -21.54 -13.26 -12.08
N PHE B 31 -21.67 -12.66 -13.26
CA PHE B 31 -20.53 -12.35 -14.12
C PHE B 31 -19.52 -11.39 -13.47
N SER B 32 -20.03 -10.39 -12.74
CA SER B 32 -19.16 -9.44 -12.07
C SER B 32 -18.31 -10.06 -10.97
N GLN B 33 -18.78 -11.17 -10.40
CA GLN B 33 -18.02 -11.85 -9.35
C GLN B 33 -17.04 -12.89 -9.88
N ASP B 34 -17.06 -13.14 -11.18
CA ASP B 34 -16.16 -14.10 -11.81
C ASP B 34 -14.92 -13.45 -12.41
N GLN B 35 -13.75 -14.05 -12.22
CA GLN B 35 -12.50 -13.43 -12.72
C GLN B 35 -12.61 -12.93 -14.17
N HIS B 36 -13.05 -13.81 -15.06
CA HIS B 36 -13.12 -13.45 -16.45
C HIS B 36 -14.41 -12.71 -16.83
N GLY B 37 -15.50 -12.97 -16.12
CA GLY B 37 -16.73 -12.22 -16.34
C GLY B 37 -16.55 -10.75 -16.01
N SER B 38 -15.91 -10.51 -14.87
CA SER B 38 -15.58 -9.18 -14.40
C SER B 38 -14.78 -8.40 -15.44
N ARG B 39 -13.68 -9.00 -15.90
CA ARG B 39 -12.91 -8.42 -16.98
C ARG B 39 -13.74 -8.11 -18.26
N PHE B 40 -14.60 -9.06 -18.64
CA PHE B 40 -15.51 -8.84 -19.75
C PHE B 40 -16.34 -7.56 -19.59
N ILE B 41 -17.03 -7.44 -18.46
CA ILE B 41 -17.84 -6.27 -18.15
C ILE B 41 -16.99 -5.00 -18.04
N GLN B 42 -15.83 -5.08 -17.42
CA GLN B 42 -15.01 -3.86 -17.32
C GLN B 42 -14.67 -3.32 -18.71
N GLN B 43 -14.25 -4.20 -19.60
CA GLN B 43 -13.82 -3.75 -20.93
C GLN B 43 -15.00 -3.20 -21.74
N LYS B 44 -16.16 -3.86 -21.67
CA LYS B 44 -17.32 -3.41 -22.43
C LYS B 44 -17.84 -2.07 -21.91
N LEU B 45 -17.77 -1.84 -20.61
CA LEU B 45 -18.31 -0.60 -20.05
C LEU B 45 -17.53 0.58 -20.56
N GLU B 46 -16.23 0.37 -20.70
CA GLU B 46 -15.31 1.35 -21.27
C GLU B 46 -15.88 2.00 -22.54
N ARG B 47 -16.58 1.21 -23.37
CA ARG B 47 -17.00 1.66 -24.69
C ARG B 47 -18.52 1.57 -24.99
N ALA B 48 -19.33 1.35 -23.96
CA ALA B 48 -20.76 1.03 -24.16
C ALA B 48 -21.70 2.20 -24.43
N THR B 49 -22.84 1.88 -25.00
CA THR B 49 -23.94 2.82 -25.16
C THR B 49 -24.58 3.15 -23.80
N PRO B 50 -25.15 4.38 -23.67
CA PRO B 50 -25.80 4.87 -22.47
C PRO B 50 -26.74 3.81 -21.93
N ALA B 51 -27.52 3.26 -22.85
CA ALA B 51 -28.54 2.24 -22.55
C ALA B 51 -27.94 0.96 -22.01
N GLU B 52 -26.92 0.44 -22.70
CA GLU B 52 -26.13 -0.69 -22.19
C GLU B 52 -25.53 -0.45 -20.80
N ARG B 53 -24.92 0.72 -20.61
CA ARG B 53 -24.41 1.13 -19.34
C ARG B 53 -25.54 1.11 -18.28
N GLN B 54 -26.69 1.71 -18.61
CA GLN B 54 -27.85 1.70 -17.67
C GLN B 54 -28.38 0.29 -17.39
N ILE B 55 -28.39 -0.56 -18.40
CA ILE B 55 -28.79 -1.96 -18.18
C ILE B 55 -27.92 -2.55 -17.12
N VAL B 56 -26.60 -2.49 -17.31
CA VAL B 56 -25.66 -3.02 -16.32
C VAL B 56 -25.85 -2.37 -14.94
N PHE B 57 -25.89 -1.04 -14.88
CA PHE B 57 -26.06 -0.38 -13.60
C PHE B 57 -27.30 -0.85 -12.84
N ASN B 58 -28.40 -1.06 -13.55
CA ASN B 58 -29.64 -1.49 -12.93
C ASN B 58 -29.46 -2.70 -12.06
N GLU B 59 -28.83 -3.73 -12.63
CA GLU B 59 -28.57 -4.95 -11.86
C GLU B 59 -27.50 -4.80 -10.77
N ILE B 60 -26.42 -4.09 -11.01
CA ILE B 60 -25.38 -4.04 -9.97
C ILE B 60 -25.83 -3.24 -8.74
N LEU B 61 -26.64 -2.21 -8.98
CA LEU B 61 -27.14 -1.38 -7.90
C LEU B 61 -27.80 -2.21 -6.81
N GLN B 62 -28.54 -3.23 -7.20
CA GLN B 62 -29.29 -3.99 -6.20
C GLN B 62 -28.38 -4.87 -5.34
N ALA B 63 -27.11 -4.97 -5.71
CA ALA B 63 -26.15 -5.80 -4.98
C ALA B 63 -24.86 -5.05 -4.73
N ALA B 64 -24.95 -3.73 -4.74
CA ALA B 64 -23.80 -2.84 -4.69
C ALA B 64 -22.80 -3.15 -3.56
N TYR B 65 -23.29 -3.14 -2.34
CA TYR B 65 -22.43 -3.35 -1.19
C TYR B 65 -21.69 -4.68 -1.35
N GLN B 66 -22.44 -5.73 -1.67
CA GLN B 66 -21.82 -7.02 -1.92
C GLN B 66 -20.69 -7.00 -2.98
N LEU B 67 -20.97 -6.42 -4.15
CA LEU B 67 -19.92 -6.24 -5.18
C LEU B 67 -18.76 -5.34 -4.77
N MET B 68 -19.01 -4.30 -3.96
CA MET B 68 -17.89 -3.48 -3.49
C MET B 68 -16.91 -4.28 -2.61
N THR B 69 -17.39 -5.36 -1.98
CA THR B 69 -16.53 -6.13 -1.06
C THR B 69 -16.05 -7.46 -1.67
N ASP B 70 -16.31 -7.62 -2.98
CA ASP B 70 -15.97 -8.82 -3.75
C ASP B 70 -14.65 -8.73 -4.51
N VAL B 71 -13.87 -9.81 -4.49
CA VAL B 71 -12.56 -9.77 -5.13
C VAL B 71 -12.56 -9.27 -6.59
N PHE B 72 -13.57 -9.62 -7.39
CA PHE B 72 -13.62 -9.11 -8.76
C PHE B 72 -14.72 -8.09 -8.99
N GLY B 73 -15.75 -8.14 -8.16
CA GLY B 73 -16.89 -7.28 -8.33
C GLY B 73 -16.51 -5.83 -8.15
N ASN B 74 -15.64 -5.59 -7.18
CA ASN B 74 -15.27 -4.22 -6.89
C ASN B 74 -14.75 -3.48 -8.12
N TYR B 75 -14.07 -4.16 -9.05
CA TYR B 75 -13.61 -3.49 -10.28
C TYR B 75 -14.73 -2.92 -11.17
N VAL B 76 -15.88 -3.61 -11.19
CA VAL B 76 -17.05 -3.12 -11.94
C VAL B 76 -17.61 -1.87 -11.26
N ILE B 77 -17.64 -1.86 -9.93
CA ILE B 77 -18.10 -0.69 -9.22
C ILE B 77 -17.13 0.47 -9.49
N GLN B 78 -15.83 0.24 -9.42
CA GLN B 78 -14.91 1.30 -9.77
C GLN B 78 -15.11 1.83 -11.18
N LYS B 79 -15.43 0.96 -12.13
CA LYS B 79 -15.64 1.41 -13.53
C LYS B 79 -16.75 2.45 -13.66
N PHE B 80 -17.80 2.30 -12.86
CA PHE B 80 -18.86 3.27 -12.82
C PHE B 80 -18.43 4.62 -12.24
N PHE B 81 -17.37 4.63 -11.41
CA PHE B 81 -16.84 5.93 -10.98
C PHE B 81 -16.04 6.64 -12.06
N GLU B 82 -15.50 5.90 -13.02
CA GLU B 82 -14.75 6.54 -14.11
C GLU B 82 -15.64 6.90 -15.27
N PHE B 83 -16.63 6.06 -15.57
CA PHE B 83 -17.38 6.13 -16.83
C PHE B 83 -18.85 6.45 -16.66
N GLY B 84 -19.34 6.40 -15.43
CA GLY B 84 -20.76 6.58 -15.17
C GLY B 84 -21.25 8.01 -15.10
N SER B 85 -22.58 8.13 -15.11
CA SER B 85 -23.26 9.43 -15.03
C SER B 85 -23.35 10.00 -13.61
N LEU B 86 -23.54 11.32 -13.53
CA LEU B 86 -23.79 12.03 -12.26
C LEU B 86 -24.72 11.19 -11.40
N ASP B 87 -25.84 10.79 -12.01
CA ASP B 87 -26.87 9.97 -11.35
C ASP B 87 -26.35 8.67 -10.80
N GLN B 88 -25.61 7.94 -11.63
CA GLN B 88 -25.08 6.64 -11.25
C GLN B 88 -24.01 6.76 -10.14
N LYS B 89 -23.18 7.78 -10.23
CA LYS B 89 -22.18 8.04 -9.23
C LYS B 89 -22.86 8.39 -7.92
N LEU B 90 -23.93 9.19 -8.01
CA LEU B 90 -24.72 9.60 -6.86
C LEU B 90 -25.31 8.40 -6.15
N ALA B 91 -25.98 7.56 -6.93
CA ALA B 91 -26.57 6.34 -6.39
C ALA B 91 -25.55 5.46 -5.67
N LEU B 92 -24.38 5.24 -6.26
CA LEU B 92 -23.34 4.48 -5.58
C LEU B 92 -22.83 5.17 -4.29
N ALA B 93 -22.69 6.50 -4.34
CA ALA B 93 -22.31 7.28 -3.17
C ALA B 93 -23.28 7.06 -2.02
N THR B 94 -24.54 6.82 -2.37
CA THR B 94 -25.59 6.60 -1.40
C THR B 94 -25.48 5.23 -0.74
N ARG B 95 -25.10 4.21 -1.51
CA ARG B 95 -24.83 2.91 -0.92
C ARG B 95 -23.66 2.94 0.03
N ILE B 96 -22.68 3.79 -0.24
CA ILE B 96 -21.44 3.89 0.53
C ILE B 96 -21.62 4.63 1.87
N ARG B 97 -22.41 5.71 1.81
CA ARG B 97 -22.73 6.52 2.97
C ARG B 97 -23.31 5.66 4.09
N GLY B 98 -22.83 5.89 5.30
CA GLY B 98 -23.19 5.05 6.43
C GLY B 98 -22.34 3.80 6.53
N HIS B 99 -21.58 3.50 5.47
CA HIS B 99 -20.75 2.31 5.47
C HIS B 99 -19.29 2.55 5.12
N VAL B 100 -18.79 3.77 5.26
CA VAL B 100 -17.37 4.06 4.94
C VAL B 100 -16.40 3.26 5.83
N LEU B 101 -16.61 3.31 7.14
CA LEU B 101 -15.73 2.63 8.04
C LEU B 101 -15.58 1.12 7.70
N PRO B 102 -16.69 0.36 7.64
CA PRO B 102 -16.53 -1.05 7.33
C PRO B 102 -15.92 -1.29 5.94
N LEU B 103 -16.23 -0.44 4.97
CA LEU B 103 -15.65 -0.57 3.63
C LEU B 103 -14.15 -0.28 3.65
N ALA B 104 -13.77 0.85 4.24
CA ALA B 104 -12.38 1.24 4.40
C ALA B 104 -11.58 0.13 5.04
N LEU B 105 -12.20 -0.59 5.98
CA LEU B 105 -11.52 -1.69 6.67
C LEU B 105 -11.48 -2.98 5.85
N GLN B 106 -12.23 -3.03 4.76
CA GLN B 106 -12.34 -4.24 3.96
C GLN B 106 -11.39 -4.24 2.78
N MET B 107 -10.86 -5.43 2.49
CA MET B 107 -9.79 -5.60 1.52
C MET B 107 -10.06 -4.99 0.18
N TYR B 108 -11.26 -5.19 -0.36
CA TYR B 108 -11.58 -4.63 -1.66
C TYR B 108 -12.43 -3.37 -1.52
N GLY B 109 -13.23 -3.30 -0.48
CA GLY B 109 -14.02 -2.13 -0.24
C GLY B 109 -13.15 -0.89 -0.21
N CYS B 110 -11.97 -0.99 0.41
CA CYS B 110 -11.12 0.18 0.54
C CYS B 110 -10.67 0.67 -0.83
N ARG B 111 -10.57 -0.22 -1.80
CA ARG B 111 -10.16 0.22 -3.14
C ARG B 111 -11.30 1.03 -3.75
N VAL B 112 -12.53 0.64 -3.48
CA VAL B 112 -13.71 1.35 -3.96
C VAL B 112 -13.75 2.75 -3.35
N ILE B 113 -13.53 2.87 -2.03
CA ILE B 113 -13.48 4.17 -1.38
C ILE B 113 -12.39 5.04 -2.03
N GLN B 114 -11.19 4.48 -2.20
CA GLN B 114 -10.14 5.25 -2.86
C GLN B 114 -10.60 5.79 -4.20
N LYS B 115 -11.24 4.95 -5.00
CA LYS B 115 -11.67 5.37 -6.32
C LYS B 115 -12.76 6.45 -6.23
N ALA B 116 -13.70 6.27 -5.30
CA ALA B 116 -14.74 7.26 -5.14
C ALA B 116 -14.15 8.61 -4.72
N LEU B 117 -13.11 8.61 -3.88
CA LEU B 117 -12.51 9.89 -3.50
C LEU B 117 -11.95 10.67 -4.69
N GLU B 118 -11.53 9.96 -5.72
CA GLU B 118 -10.97 10.57 -6.92
C GLU B 118 -12.07 11.11 -7.81
N SER B 119 -13.30 10.68 -7.57
CA SER B 119 -14.38 10.88 -8.56
C SER B 119 -15.51 11.78 -8.11
N ILE B 120 -15.51 12.24 -6.87
CA ILE B 120 -16.66 12.96 -6.33
C ILE B 120 -16.35 14.42 -5.99
N SER B 121 -17.38 15.20 -5.71
CA SER B 121 -17.21 16.59 -5.34
C SER B 121 -16.59 16.72 -3.96
N SER B 122 -15.96 17.85 -3.70
CA SER B 122 -15.32 18.12 -2.42
C SER B 122 -16.28 18.01 -1.23
N ASP B 123 -17.56 18.33 -1.47
CA ASP B 123 -18.59 18.18 -0.44
C ASP B 123 -18.81 16.71 -0.09
N GLN B 124 -19.03 15.87 -1.11
CA GLN B 124 -19.21 14.45 -0.89
C GLN B 124 -17.91 13.82 -0.34
N GLN B 125 -16.77 14.40 -0.72
CA GLN B 125 -15.45 13.98 -0.22
C GLN B 125 -15.42 14.11 1.28
N SER B 126 -15.70 15.33 1.73
CA SER B 126 -15.71 15.68 3.14
C SER B 126 -16.69 14.86 3.95
N GLU B 127 -17.88 14.63 3.39
CA GLU B 127 -18.89 13.81 4.05
C GLU B 127 -18.37 12.40 4.33
N MET B 128 -17.73 11.82 3.31
CA MET B 128 -17.16 10.49 3.37
C MET B 128 -16.12 10.44 4.47
N VAL B 129 -15.14 11.35 4.39
CA VAL B 129 -14.04 11.44 5.37
C VAL B 129 -14.54 11.46 6.81
N LYS B 130 -15.59 12.24 7.04
CA LYS B 130 -16.08 12.43 8.40
C LYS B 130 -16.44 11.12 9.08
N GLU B 131 -16.95 10.15 8.31
CA GLU B 131 -17.43 8.89 8.87
C GLU B 131 -16.31 8.17 9.63
N LEU B 132 -15.07 8.62 9.42
CA LEU B 132 -13.91 7.99 10.02
C LEU B 132 -13.61 8.59 11.40
N ASP B 133 -14.21 9.74 11.66
CA ASP B 133 -14.04 10.42 12.93
C ASP B 133 -14.39 9.49 14.10
N GLY B 134 -13.45 9.37 15.04
CA GLY B 134 -13.55 8.41 16.13
C GLY B 134 -12.83 7.10 15.87
N HIS B 135 -12.29 6.92 14.66
CA HIS B 135 -11.62 5.67 14.28
C HIS B 135 -10.33 5.89 13.47
N VAL B 136 -9.75 7.08 13.62
CA VAL B 136 -8.59 7.47 12.82
C VAL B 136 -7.41 6.53 13.06
N LEU B 137 -7.07 6.29 14.33
CA LEU B 137 -5.90 5.47 14.67
C LEU B 137 -6.08 4.04 14.21
N LYS B 138 -7.26 3.47 14.47
CA LYS B 138 -7.63 2.16 13.99
C LYS B 138 -7.37 2.04 12.46
N CYS B 139 -7.90 3.00 11.71
CA CYS B 139 -7.72 3.05 10.27
C CYS B 139 -6.27 3.18 9.86
N VAL B 140 -5.54 4.06 10.53
CA VAL B 140 -4.16 4.33 10.19
C VAL B 140 -3.30 3.06 10.35
N LYS B 141 -3.56 2.28 11.38
CA LYS B 141 -2.77 1.09 11.66
C LYS B 141 -3.23 -0.12 10.84
N ASP B 142 -4.40 0.01 10.19
CA ASP B 142 -5.02 -1.10 9.46
C ASP B 142 -4.44 -1.31 8.06
N GLN B 143 -4.23 -2.58 7.71
CA GLN B 143 -3.66 -2.92 6.43
C GLN B 143 -4.52 -2.44 5.24
N ASN B 144 -5.83 -2.37 5.44
CA ASN B 144 -6.70 -1.82 4.41
C ASN B 144 -6.92 -0.31 4.61
N GLY B 145 -7.32 0.07 5.81
CA GLY B 145 -7.75 1.42 6.12
C GLY B 145 -6.69 2.48 5.85
N ASN B 146 -5.42 2.15 6.11
CA ASN B 146 -4.39 3.14 5.92
C ASN B 146 -4.41 3.69 4.48
N HIS B 147 -4.63 2.83 3.48
CA HIS B 147 -4.80 3.34 2.09
C HIS B 147 -5.90 4.37 1.97
N VAL B 148 -7.02 4.12 2.63
CA VAL B 148 -8.10 5.09 2.59
C VAL B 148 -7.66 6.41 3.23
N VAL B 149 -7.00 6.35 4.38
CA VAL B 149 -6.55 7.57 5.04
C VAL B 149 -5.58 8.30 4.15
N GLN B 150 -4.62 7.60 3.55
CA GLN B 150 -3.67 8.27 2.66
C GLN B 150 -4.37 8.99 1.51
N LYS B 151 -5.30 8.31 0.83
CA LYS B 151 -5.95 8.92 -0.32
C LYS B 151 -6.71 10.16 0.12
N CYS B 152 -7.25 10.15 1.33
CA CYS B 152 -7.86 11.34 1.89
C CYS B 152 -6.87 12.50 2.01
N ILE B 153 -5.70 12.22 2.56
CA ILE B 153 -4.73 13.27 2.76
C ILE B 153 -4.26 13.83 1.41
N GLU B 154 -4.27 12.97 0.38
CA GLU B 154 -3.89 13.35 -0.98
C GLU B 154 -4.94 14.21 -1.68
N CYS B 155 -6.23 14.02 -1.38
CA CYS B 155 -7.34 14.54 -2.22
C CYS B 155 -8.19 15.60 -1.57
N VAL B 156 -8.38 15.48 -0.27
CA VAL B 156 -9.36 16.30 0.41
C VAL B 156 -8.73 17.61 0.81
N GLN B 157 -9.48 18.69 0.65
CA GLN B 157 -9.09 20.01 1.15
C GLN B 157 -8.63 19.95 2.61
N PRO B 158 -7.45 20.52 2.89
CA PRO B 158 -6.69 20.21 4.11
C PRO B 158 -7.44 20.61 5.38
N GLN B 159 -8.21 21.68 5.33
CA GLN B 159 -8.93 22.02 6.52
C GLN B 159 -9.86 20.88 6.93
N SER B 160 -10.44 20.19 5.95
CA SER B 160 -11.31 19.03 6.23
C SER B 160 -10.58 17.83 6.87
N LEU B 161 -9.26 17.92 7.01
CA LEU B 161 -8.48 16.83 7.56
C LEU B 161 -8.00 17.12 8.97
N GLN B 162 -8.42 18.25 9.53
CA GLN B 162 -7.93 18.64 10.86
C GLN B 162 -8.13 17.52 11.88
N PHE B 163 -9.32 16.91 11.87
CA PHE B 163 -9.61 15.86 12.85
C PHE B 163 -8.62 14.69 12.77
N ILE B 164 -8.16 14.38 11.56
CA ILE B 164 -7.11 13.39 11.40
C ILE B 164 -5.89 13.85 12.19
N ILE B 165 -5.40 15.04 11.92
CA ILE B 165 -4.18 15.52 12.60
C ILE B 165 -4.38 15.56 14.11
N ASP B 166 -5.54 16.05 14.57
CA ASP B 166 -5.83 16.06 16.01
C ASP B 166 -5.76 14.68 16.68
N ALA B 167 -6.27 13.66 16.02
CA ALA B 167 -6.25 12.30 16.55
C ALA B 167 -4.83 11.76 16.76
N PHE B 168 -3.84 12.47 16.23
CA PHE B 168 -2.44 12.06 16.31
C PHE B 168 -1.70 12.58 17.57
N LYS B 169 -2.36 13.45 18.34
CA LYS B 169 -1.71 14.02 19.52
C LYS B 169 -1.23 12.91 20.42
N GLY B 170 0.06 12.97 20.76
CA GLY B 170 0.69 11.90 21.54
C GLY B 170 1.01 10.60 20.80
N GLN B 171 0.63 10.47 19.53
CA GLN B 171 0.86 9.21 18.82
C GLN B 171 1.94 9.24 17.74
N VAL B 172 2.55 10.40 17.52
CA VAL B 172 3.49 10.56 16.41
C VAL B 172 4.64 9.54 16.47
N PHE B 173 5.22 9.33 17.65
CA PHE B 173 6.33 8.39 17.75
C PHE B 173 5.90 6.96 17.45
N VAL B 174 4.87 6.50 18.15
CA VAL B 174 4.32 5.16 17.93
C VAL B 174 3.90 4.94 16.46
N LEU B 175 3.24 5.92 15.86
CA LEU B 175 2.83 5.77 14.47
C LEU B 175 3.99 5.82 13.50
N SER B 176 5.05 6.57 13.82
CA SER B 176 6.18 6.67 12.89
C SER B 176 7.01 5.40 12.87
N THR B 177 6.94 4.63 13.95
CA THR B 177 7.70 3.38 14.04
C THR B 177 6.84 2.19 13.58
N HIS B 178 5.70 2.50 12.96
CA HIS B 178 4.71 1.53 12.53
C HIS B 178 4.75 1.30 11.00
N PRO B 179 4.75 0.03 10.56
CA PRO B 179 4.87 -0.32 9.15
C PRO B 179 3.92 0.44 8.21
N TYR B 180 2.69 0.72 8.66
CA TYR B 180 1.71 1.52 7.88
C TYR B 180 1.60 2.95 8.41
N GLY B 181 1.54 3.10 9.73
CA GLY B 181 1.53 4.43 10.32
C GLY B 181 2.47 5.43 9.65
N CYS B 182 3.74 5.04 9.46
CA CYS B 182 4.76 5.97 8.95
C CYS B 182 4.41 6.52 7.58
N ARG B 183 3.74 5.70 6.76
CA ARG B 183 3.37 6.12 5.43
C ARG B 183 2.37 7.25 5.54
N VAL B 184 1.46 7.13 6.51
CA VAL B 184 0.47 8.17 6.73
C VAL B 184 1.12 9.50 7.16
N ILE B 185 2.03 9.43 8.13
CA ILE B 185 2.73 10.62 8.59
C ILE B 185 3.42 11.32 7.44
N GLN B 186 4.02 10.55 6.54
CA GLN B 186 4.64 11.11 5.35
C GLN B 186 3.64 11.83 4.45
N ARG B 187 2.46 11.24 4.21
CA ARG B 187 1.49 11.91 3.35
C ARG B 187 1.11 13.27 3.97
N ILE B 188 0.90 13.26 5.29
CA ILE B 188 0.52 14.46 6.03
C ILE B 188 1.55 15.57 5.87
N LEU B 189 2.82 15.20 5.99
CA LEU B 189 3.89 16.16 5.83
C LEU B 189 3.99 16.69 4.42
N GLU B 190 3.50 15.93 3.43
CA GLU B 190 3.48 16.41 2.07
C GLU B 190 2.35 17.39 1.79
N HIS B 191 1.14 17.09 2.27
CA HIS B 191 -0.05 17.72 1.74
C HIS B 191 -0.70 18.74 2.64
N CYS B 192 -0.49 18.58 3.93
CA CYS B 192 -1.06 19.51 4.89
C CYS B 192 -0.26 20.78 4.97
N THR B 193 -0.92 21.83 5.44
CA THR B 193 -0.30 23.16 5.58
C THR B 193 0.80 23.14 6.62
N ALA B 194 1.76 24.05 6.48
CA ALA B 194 2.81 24.24 7.47
C ALA B 194 2.24 24.42 8.88
N GLU B 195 1.17 25.22 9.01
CA GLU B 195 0.51 25.34 10.31
C GLU B 195 -0.08 24.06 10.85
N GLN B 196 -0.81 23.30 10.05
CA GLN B 196 -1.35 22.04 10.53
C GLN B 196 -0.27 21.05 11.01
N THR B 197 0.88 21.02 10.34
CA THR B 197 1.93 20.02 10.66
C THR B 197 2.85 20.45 11.82
N LEU B 198 2.73 21.71 12.22
CA LEU B 198 3.49 22.21 13.37
C LEU B 198 3.55 21.24 14.58
N PRO B 199 2.40 20.88 15.21
CA PRO B 199 2.52 19.94 16.33
C PRO B 199 3.10 18.55 15.97
N ILE B 200 2.91 18.07 14.74
CA ILE B 200 3.52 16.81 14.33
C ILE B 200 5.04 16.93 14.37
N LEU B 201 5.55 18.00 13.78
CA LEU B 201 7.00 18.19 13.69
C LEU B 201 7.60 18.30 15.06
N GLU B 202 6.90 19.00 15.95
CA GLU B 202 7.36 19.18 17.32
C GLU B 202 7.50 17.83 18.00
N GLU B 203 6.55 16.94 17.75
CA GLU B 203 6.58 15.63 18.37
C GLU B 203 7.71 14.76 17.82
N LEU B 204 7.96 14.87 16.51
CA LEU B 204 9.10 14.20 15.88
C LEU B 204 10.45 14.69 16.42
N HIS B 205 10.58 15.98 16.71
CA HIS B 205 11.85 16.47 17.18
C HIS B 205 12.17 15.87 18.54
N GLN B 206 11.12 15.69 19.35
CA GLN B 206 11.28 15.09 20.66
C GLN B 206 11.80 13.66 20.62
N HIS B 207 11.81 13.02 19.45
CA HIS B 207 12.23 11.63 19.39
C HIS B 207 13.26 11.32 18.32
N THR B 208 13.89 12.38 17.80
CA THR B 208 14.84 12.23 16.72
C THR B 208 15.77 11.05 16.99
N GLU B 209 16.41 11.03 18.15
CA GLU B 209 17.40 10.00 18.46
C GLU B 209 16.87 8.57 18.22
N GLN B 210 15.74 8.22 18.84
CA GLN B 210 15.14 6.88 18.65
C GLN B 210 14.73 6.69 17.21
N LEU B 211 14.10 7.71 16.65
CA LEU B 211 13.56 7.61 15.30
C LEU B 211 14.59 7.28 14.24
N VAL B 212 15.74 7.94 14.27
CA VAL B 212 16.72 7.71 13.20
C VAL B 212 17.25 6.27 13.23
N GLN B 213 17.10 5.59 14.36
CA GLN B 213 17.57 4.22 14.46
C GLN B 213 16.49 3.17 14.19
N ASP B 214 15.22 3.60 14.18
CA ASP B 214 14.11 2.69 13.88
C ASP B 214 14.00 2.35 12.40
N GLN B 215 13.56 1.13 12.14
CA GLN B 215 13.44 0.60 10.79
C GLN B 215 12.42 1.32 9.92
N TYR B 216 11.41 1.93 10.53
CA TYR B 216 10.43 2.74 9.80
C TYR B 216 10.67 4.24 10.08
N GLY B 217 10.81 4.57 11.37
CA GLY B 217 11.10 5.93 11.82
C GLY B 217 12.16 6.66 11.00
N ASN B 218 13.22 5.96 10.63
CA ASN B 218 14.29 6.60 9.89
C ASN B 218 13.75 7.26 8.64
N TYR B 219 12.71 6.66 8.06
CA TYR B 219 12.13 7.19 6.83
C TYR B 219 11.34 8.45 7.06
N VAL B 220 10.69 8.55 8.22
CA VAL B 220 10.00 9.79 8.56
C VAL B 220 10.99 10.94 8.69
N ILE B 221 12.07 10.72 9.44
CA ILE B 221 13.12 11.73 9.56
C ILE B 221 13.69 12.15 8.20
N GLN B 222 14.02 11.17 7.36
CA GLN B 222 14.51 11.47 6.01
C GLN B 222 13.57 12.41 5.26
N HIS B 223 12.26 12.18 5.42
CA HIS B 223 11.25 12.88 4.67
C HIS B 223 11.30 14.39 4.99
N VAL B 224 11.41 14.70 6.28
CA VAL B 224 11.62 16.05 6.74
C VAL B 224 12.87 16.63 6.12
N LEU B 225 13.94 15.84 6.05
CA LEU B 225 15.17 16.33 5.42
C LEU B 225 14.99 16.61 3.92
N GLU B 226 14.21 15.79 3.22
CA GLU B 226 14.02 16.01 1.79
C GLU B 226 12.99 17.08 1.48
N HIS B 227 12.00 17.27 2.35
CA HIS B 227 10.85 18.09 1.97
C HIS B 227 10.48 19.24 2.91
N GLY B 228 10.93 19.16 4.15
CA GLY B 228 10.57 20.15 5.18
C GLY B 228 11.30 21.47 5.14
N ARG B 229 10.94 22.33 6.08
CA ARG B 229 11.45 23.68 6.21
C ARG B 229 12.84 23.67 6.82
N PRO B 230 13.73 24.60 6.37
CA PRO B 230 15.11 24.67 6.88
C PRO B 230 15.21 24.56 8.41
N GLU B 231 14.41 25.32 9.15
CA GLU B 231 14.46 25.29 10.63
C GLU B 231 14.33 23.88 11.20
N ASP B 232 13.53 23.04 10.54
CA ASP B 232 13.35 21.66 10.99
C ASP B 232 14.55 20.79 10.59
N LYS B 233 15.02 20.97 9.36
CA LYS B 233 16.23 20.29 8.92
C LYS B 233 17.37 20.56 9.92
N SER B 234 17.58 21.82 10.28
CA SER B 234 18.62 22.17 11.25
C SER B 234 18.46 21.50 12.62
N LYS B 235 17.23 21.34 13.10
CA LYS B 235 17.00 20.65 14.37
C LYS B 235 17.49 19.23 14.30
N ILE B 236 17.18 18.53 13.20
CA ILE B 236 17.65 17.15 12.99
C ILE B 236 19.18 17.13 12.85
N VAL B 237 19.73 17.98 12.00
CA VAL B 237 21.15 18.03 11.81
C VAL B 237 21.85 18.23 13.14
N SER B 238 21.27 19.06 14.00
CA SER B 238 21.91 19.31 15.29
C SER B 238 21.92 18.07 16.20
N GLU B 239 20.96 17.16 16.01
CA GLU B 239 20.99 15.85 16.71
C GLU B 239 22.06 14.91 16.16
N ILE B 240 22.44 15.06 14.90
CA ILE B 240 23.47 14.23 14.28
C ILE B 240 24.89 14.72 14.61
N ARG B 241 25.11 16.05 14.64
CA ARG B 241 26.44 16.60 14.97
C ARG B 241 26.99 15.89 16.20
N GLY B 242 28.29 15.62 16.18
CA GLY B 242 28.95 14.95 17.30
C GLY B 242 28.85 13.44 17.23
N LYS B 243 27.85 12.92 16.53
CA LYS B 243 27.59 11.49 16.51
C LYS B 243 27.68 10.90 15.11
N VAL B 244 28.31 11.65 14.21
CA VAL B 244 28.36 11.29 12.79
C VAL B 244 28.97 9.92 12.52
N LEU B 245 30.16 9.66 13.07
CA LEU B 245 30.85 8.39 12.84
C LEU B 245 30.06 7.19 13.30
N ALA B 246 29.60 7.21 14.55
CA ALA B 246 28.81 6.10 15.09
C ALA B 246 27.58 5.85 14.24
N LEU B 247 26.80 6.89 13.94
CA LEU B 247 25.52 6.72 13.24
C LEU B 247 25.65 6.28 11.77
N SER B 248 26.73 6.69 11.12
CA SER B 248 27.06 6.26 9.76
C SER B 248 27.09 4.75 9.63
N GLN B 249 27.41 4.06 10.71
CA GLN B 249 27.55 2.59 10.71
C GLN B 249 26.31 1.85 11.15
N HIS B 250 25.29 2.60 11.54
CA HIS B 250 24.03 1.99 11.90
C HIS B 250 23.27 1.62 10.63
N LYS B 251 22.58 0.48 10.64
CA LYS B 251 21.90 0.03 9.43
C LYS B 251 20.82 1.01 8.97
N PHE B 252 20.20 1.71 9.91
CA PHE B 252 19.12 2.63 9.59
C PHE B 252 19.53 4.07 9.69
N ALA B 253 20.31 4.41 10.73
CA ALA B 253 20.70 5.82 10.95
C ALA B 253 21.56 6.38 9.81
N SER B 254 22.32 5.51 9.16
CA SER B 254 23.11 5.93 8.02
C SER B 254 22.29 6.61 6.92
N ASN B 255 21.05 6.19 6.74
CA ASN B 255 20.19 6.83 5.76
C ASN B 255 19.95 8.28 6.12
N VAL B 256 19.64 8.52 7.40
CA VAL B 256 19.47 9.87 7.92
C VAL B 256 20.78 10.71 7.78
N VAL B 257 21.92 10.11 8.08
CA VAL B 257 23.19 10.81 7.94
C VAL B 257 23.40 11.25 6.51
N GLU B 258 23.26 10.32 5.58
CA GLU B 258 23.47 10.63 4.17
C GLU B 258 22.57 11.78 3.71
N LYS B 259 21.31 11.72 4.16
CA LYS B 259 20.31 12.72 3.78
C LYS B 259 20.65 14.10 4.29
N CYS B 260 21.22 14.17 5.50
CA CYS B 260 21.78 15.42 6.00
C CYS B 260 22.85 15.91 5.06
N VAL B 261 23.74 15.03 4.62
CA VAL B 261 24.83 15.45 3.77
C VAL B 261 24.30 16.01 2.45
N THR B 262 23.21 15.45 1.96
CA THR B 262 22.69 15.86 0.65
C THR B 262 21.63 16.98 0.68
N HIS B 263 20.89 17.10 1.76
CA HIS B 263 19.74 18.00 1.72
C HIS B 263 19.72 19.04 2.81
N ALA B 264 20.74 19.04 3.66
CA ALA B 264 20.90 20.13 4.65
C ALA B 264 21.50 21.35 3.98
N SER B 265 21.54 22.47 4.70
CA SER B 265 22.12 23.69 4.16
C SER B 265 23.65 23.56 3.99
N ARG B 266 24.21 24.42 3.15
CA ARG B 266 25.62 24.28 2.75
C ARG B 266 26.54 24.30 3.96
N ALA B 267 26.26 25.23 4.88
CA ALA B 267 26.97 25.31 6.14
C ALA B 267 26.88 23.97 6.88
N GLU B 268 25.67 23.49 7.12
CA GLU B 268 25.52 22.21 7.78
C GLU B 268 26.31 21.07 7.10
N ARG B 269 26.24 20.97 5.77
CA ARG B 269 27.06 20.00 5.02
C ARG B 269 28.53 20.10 5.42
N ALA B 270 29.04 21.33 5.37
CA ALA B 270 30.43 21.57 5.60
C ALA B 270 30.81 21.04 6.98
N LEU B 271 29.96 21.33 7.95
CA LEU B 271 30.24 20.96 9.33
C LEU B 271 30.28 19.45 9.52
N LEU B 272 29.29 18.76 8.97
CA LEU B 272 29.30 17.29 9.01
C LEU B 272 30.54 16.69 8.33
N ILE B 273 30.96 17.28 7.21
CA ILE B 273 32.12 16.75 6.50
C ILE B 273 33.35 16.94 7.38
N ASP B 274 33.50 18.15 7.91
CA ASP B 274 34.66 18.48 8.72
C ASP B 274 34.79 17.64 10.00
N GLU B 275 33.66 17.27 10.59
CA GLU B 275 33.66 16.43 11.77
C GLU B 275 34.40 15.11 11.54
N VAL B 276 34.25 14.54 10.33
CA VAL B 276 34.91 13.27 10.03
C VAL B 276 36.33 13.37 9.47
N CYS B 277 36.72 14.54 8.99
CA CYS B 277 38.09 14.77 8.55
C CYS B 277 39.06 14.99 9.69
N CYS B 278 38.56 15.49 10.83
CA CYS B 278 39.41 15.86 11.95
C CYS B 278 39.52 14.80 13.01
N GLN B 279 38.40 14.11 13.23
CA GLN B 279 38.29 13.07 14.24
C GLN B 279 39.13 11.83 13.92
N ASN B 280 39.86 11.34 14.92
CA ASN B 280 40.47 10.00 14.87
C ASN B 280 39.51 8.94 15.43
N ASP B 281 39.75 7.69 15.07
CA ASP B 281 39.01 6.54 15.61
C ASP B 281 40.04 5.49 16.05
N GLY B 282 40.22 5.37 17.36
CA GLY B 282 41.29 4.54 17.92
C GLY B 282 42.60 5.07 17.37
N PRO B 283 43.43 4.17 16.79
CA PRO B 283 44.65 4.62 16.09
C PRO B 283 44.37 5.36 14.77
N HIS B 284 43.54 4.77 13.90
CA HIS B 284 43.32 5.28 12.54
C HIS B 284 42.36 6.48 12.47
N SER B 285 42.10 6.94 11.25
CA SER B 285 41.24 8.08 10.98
C SER B 285 39.78 7.66 10.91
N ALA B 286 38.88 8.57 11.26
CA ALA B 286 37.43 8.29 11.25
C ALA B 286 36.95 7.99 9.85
N LEU B 287 37.57 8.60 8.86
CA LEU B 287 37.27 8.31 7.46
C LEU B 287 37.60 6.87 7.15
N TYR B 288 38.75 6.43 7.68
CA TYR B 288 39.21 5.06 7.49
C TYR B 288 38.12 4.06 7.90
N THR B 289 37.66 4.14 9.14
CA THR B 289 36.61 3.24 9.60
C THR B 289 35.46 3.32 8.62
N MET B 290 35.06 4.54 8.31
CA MET B 290 33.86 4.78 7.53
C MET B 290 33.94 4.18 6.13
N MET B 291 35.01 4.49 5.43
CA MET B 291 35.16 4.09 4.04
C MET B 291 35.03 2.61 3.84
N LYS B 292 35.37 1.83 4.86
CA LYS B 292 35.28 0.38 4.73
C LYS B 292 34.11 -0.30 5.44
N ASP B 293 33.21 0.51 5.99
CA ASP B 293 31.94 0.01 6.50
C ASP B 293 30.94 -0.14 5.36
N GLN B 294 30.12 -1.19 5.44
CA GLN B 294 29.07 -1.45 4.44
C GLN B 294 27.97 -0.38 4.38
N TYR B 295 27.73 0.31 5.51
CA TYR B 295 26.79 1.41 5.51
C TYR B 295 27.50 2.78 5.37
N ALA B 296 28.50 3.03 6.23
CA ALA B 296 29.16 4.34 6.29
C ALA B 296 29.81 4.80 4.98
N ASN B 297 30.21 3.84 4.16
CA ASN B 297 30.90 4.12 2.91
C ASN B 297 30.08 5.04 2.01
N TYR B 298 28.79 4.76 1.93
CA TYR B 298 27.90 5.54 1.08
C TYR B 298 27.81 7.00 1.50
N VAL B 299 27.93 7.24 2.81
CA VAL B 299 28.00 8.59 3.32
C VAL B 299 29.25 9.28 2.77
N VAL B 300 30.39 8.62 2.88
CA VAL B 300 31.62 9.17 2.32
C VAL B 300 31.44 9.55 0.84
N GLN B 301 30.87 8.65 0.06
CA GLN B 301 30.62 8.92 -1.35
C GLN B 301 29.85 10.19 -1.56
N LYS B 302 28.74 10.35 -0.85
CA LYS B 302 27.91 11.53 -0.99
C LYS B 302 28.63 12.76 -0.46
N MET B 303 29.45 12.57 0.57
CA MET B 303 30.30 13.63 1.09
C MET B 303 31.28 14.14 0.04
N ILE B 304 31.85 13.24 -0.77
CA ILE B 304 32.69 13.66 -1.90
C ILE B 304 31.87 14.46 -2.91
N ASP B 305 30.69 13.95 -3.24
CA ASP B 305 29.81 14.58 -4.22
C ASP B 305 29.41 15.99 -3.84
N MET B 306 29.25 16.24 -2.54
CA MET B 306 28.69 17.49 -2.08
C MET B 306 29.75 18.51 -1.64
N ALA B 307 30.93 18.03 -1.25
CA ALA B 307 31.97 18.91 -0.77
C ALA B 307 32.32 19.98 -1.79
N GLU B 308 32.57 21.18 -1.31
CA GLU B 308 33.11 22.22 -2.15
C GLU B 308 34.58 21.89 -2.42
N PRO B 309 35.10 22.35 -3.58
CA PRO B 309 36.49 22.19 -4.02
C PRO B 309 37.51 22.12 -2.87
N ALA B 310 37.44 23.09 -1.96
CA ALA B 310 38.30 23.13 -0.79
C ALA B 310 38.27 21.82 0.00
N GLN B 311 37.09 21.46 0.53
CA GLN B 311 36.95 20.26 1.34
C GLN B 311 37.21 18.93 0.60
N ARG B 312 36.82 18.89 -0.68
CA ARG B 312 37.13 17.76 -1.54
C ARG B 312 38.64 17.54 -1.61
N LYS B 313 39.41 18.63 -1.62
CA LYS B 313 40.87 18.55 -1.65
C LYS B 313 41.43 17.96 -0.36
N ILE B 314 40.84 18.34 0.77
CA ILE B 314 41.23 17.78 2.06
C ILE B 314 40.92 16.27 2.12
N ILE B 315 39.73 15.89 1.68
CA ILE B 315 39.31 14.49 1.76
C ILE B 315 40.23 13.56 0.98
N MET B 316 40.37 13.79 -0.33
CA MET B 316 41.21 12.94 -1.20
C MET B 316 42.63 12.79 -0.67
N HIS B 317 43.03 13.72 0.20
CA HIS B 317 44.35 13.74 0.80
C HIS B 317 44.41 12.83 2.02
N LYS B 318 43.29 12.75 2.73
CA LYS B 318 43.14 11.84 3.88
C LYS B 318 42.88 10.42 3.39
N ILE B 319 42.32 10.30 2.19
CA ILE B 319 42.04 9.03 1.52
C ILE B 319 43.31 8.39 0.97
N ARG B 320 44.07 9.20 0.22
CA ARG B 320 45.24 8.76 -0.56
C ARG B 320 46.13 7.70 0.10
N PRO B 321 46.56 7.91 1.37
CA PRO B 321 47.51 6.93 1.97
C PRO B 321 46.90 5.55 2.29
N HIS B 322 45.75 5.23 1.70
CA HIS B 322 45.03 4.00 2.05
C HIS B 322 44.49 3.25 0.82
N ILE B 323 44.91 3.66 -0.38
CA ILE B 323 44.45 3.04 -1.64
C ILE B 323 44.64 1.52 -1.65
N THR B 324 45.84 1.07 -1.30
CA THR B 324 46.16 -0.35 -1.26
C THR B 324 45.21 -1.07 -0.31
N THR B 325 45.00 -0.49 0.87
CA THR B 325 44.11 -1.10 1.87
C THR B 325 42.64 -0.68 1.70
N LEU B 326 42.32 -0.02 0.58
CA LEU B 326 40.95 0.33 0.23
C LEU B 326 40.39 -0.63 -0.79
N ARG B 327 41.23 -1.05 -1.75
CA ARG B 327 40.81 -1.90 -2.86
C ARG B 327 40.30 -3.32 -2.46
N LYS B 328 40.34 -3.62 -1.16
CA LYS B 328 39.70 -4.82 -0.61
C LYS B 328 38.20 -4.83 -0.89
N TYR B 329 37.57 -3.65 -0.79
CA TYR B 329 36.12 -3.51 -0.85
C TYR B 329 35.61 -3.03 -2.21
N THR B 330 34.51 -3.64 -2.67
CA THR B 330 33.88 -3.29 -3.94
C THR B 330 33.37 -1.85 -3.92
N TYR B 331 32.68 -1.48 -2.86
CA TYR B 331 32.22 -0.11 -2.71
C TYR B 331 33.39 0.89 -2.52
N GLY B 332 34.61 0.35 -2.57
CA GLY B 332 35.82 1.16 -2.66
C GLY B 332 36.02 1.60 -4.10
N LYS B 333 35.43 0.86 -5.04
CA LYS B 333 35.50 1.17 -6.48
C LYS B 333 34.75 2.46 -6.84
N HIS B 334 33.68 2.75 -6.11
CA HIS B 334 32.98 4.02 -6.29
C HIS B 334 33.88 5.15 -5.81
N ILE B 335 34.54 4.96 -4.66
CA ILE B 335 35.39 6.01 -4.09
C ILE B 335 36.64 6.24 -4.95
N LEU B 336 37.21 5.13 -5.45
CA LEU B 336 38.35 5.17 -6.36
C LEU B 336 38.02 5.88 -7.66
N ALA B 337 36.83 5.62 -8.19
CA ALA B 337 36.38 6.21 -9.44
C ALA B 337 36.29 7.75 -9.35
N LYS B 338 35.90 8.25 -8.18
CA LYS B 338 35.82 9.69 -7.94
C LYS B 338 37.21 10.25 -7.63
N LEU B 339 38.08 9.37 -7.14
CA LEU B 339 39.44 9.74 -6.78
C LEU B 339 40.29 9.93 -8.03
N GLU B 340 40.17 9.01 -8.96
CA GLU B 340 40.94 9.07 -10.21
C GLU B 340 40.34 10.04 -11.22
N LYS B 341 39.04 10.32 -11.09
CA LYS B 341 38.43 11.40 -11.88
C LYS B 341 38.62 12.76 -11.23
N TYR B 342 39.60 12.86 -10.35
CA TYR B 342 39.91 14.12 -9.67
C TYR B 342 41.32 14.60 -10.02
N TYR B 343 42.24 13.67 -10.22
CA TYR B 343 43.55 13.97 -10.79
C TYR B 343 43.54 13.53 -12.25
N LEU B 344 43.67 14.48 -13.18
CA LEU B 344 43.63 14.22 -14.62
C LEU B 344 42.56 13.22 -15.04
S1 DTT C . 19.06 2.36 -13.17
C1 DTT C . 19.56 1.19 -11.89
C2 DTT C . 19.99 -0.15 -12.46
O2 DTT C . 21.11 -0.02 -13.32
C3 DTT C . 18.86 -0.80 -13.25
O3 DTT C . 18.91 -0.42 -14.60
C4 DTT C . 19.09 -2.31 -13.17
S4 DTT C . 20.29 -2.78 -11.90
C1 GOL D . 15.15 -10.89 -5.78
O1 GOL D . 16.15 -10.13 -5.13
C2 GOL D . 15.54 -12.01 -6.77
O2 GOL D . 15.20 -13.23 -6.15
C3 GOL D . 14.64 -11.93 -8.02
O3 GOL D . 14.90 -12.91 -9.00
C1 GOL E . -29.85 -18.60 13.53
O1 GOL E . -31.08 -19.25 13.76
C2 GOL E . -29.85 -17.74 12.26
O2 GOL E . -28.73 -16.89 12.31
C3 GOL E . -29.78 -18.59 10.99
O3 GOL E . -30.18 -17.86 9.84
#